data_8DK7
#
_entry.id   8DK7
#
_cell.length_a   38.392
_cell.length_b   90.115
_cell.length_c   93.751
_cell.angle_alpha   83.530
_cell.angle_beta   89.400
_cell.angle_gamma   84.570
#
_symmetry.space_group_name_H-M   'P 1'
#
loop_
_entity.id
_entity.type
_entity.pdbx_description
1 polymer 'FAB light chain'
2 polymer 'FAB heavy chain'
3 polymer 'RNA (34-MER)'
4 water water
#
loop_
_entity_poly.entity_id
_entity_poly.type
_entity_poly.pdbx_seq_one_letter_code
_entity_poly.pdbx_strand_id
1 'polypeptide(L)'
;DIQMTQSPSSLSASVGDRVTITCRASQSVSSAVAWYQQKPGKAPKLLIYSASSLYSGVPSRFSGSRSGTDFTLTISSLQP
EDFATYYCQQSYSFPNTFGQGTKVEIKRTVAAPSVFIFPPSDEQLKSGTASVVCLLNNFYPREAKVQWKVDNALQSGNSQ
ESVTEQDSKDSTYSLSSTLTLSKADYEKHKVYACEVTHQGLSSPVTKSFNRGEC
;
A,E
2 'polypeptide(L)'
;EVQLVESGGGLVQPGGSLRLSCAASGFYISYSSIHWVRQAPGKGLEWVASISPYSGSTYYADSVKGRFTISADTSKNTAY
LQMNSLRAEDTAVYYCARQGYRRRSGRGFDYWGQGTLVTVSSASTKGPSVFPLAPSSKSTSGGTAALGCLVKDYFPEPVT
VSWNSGALTSGVHTFPAVLQSSGLYSLSSVVTVPSSSLGTQTYICNVNHKPSNTKVDKKVEPKSCDKTH
;
B,D
3 'polyribonucleotide' GGCGAUACCAGCGAAACACGCCCUUGGCAGCGUC C,F
#
loop_
_chem_comp.id
_chem_comp.type
_chem_comp.name
_chem_comp.formula
A RNA linking ADENOSINE-5'-MONOPHOSPHATE 'C10 H14 N5 O7 P'
C RNA linking CYTIDINE-5'-MONOPHOSPHATE 'C9 H14 N3 O8 P'
G RNA linking GUANOSINE-5'-MONOPHOSPHATE 'C10 H14 N5 O8 P'
U RNA linking URIDINE-5'-MONOPHOSPHATE 'C9 H13 N2 O9 P'
#
# COMPACT_ATOMS: atom_id res chain seq x y z
N ASP A 1 34.41 -4.77 11.73
CA ASP A 1 33.48 -5.81 12.15
C ASP A 1 34.01 -7.20 11.83
N ILE A 2 33.53 -8.21 12.57
CA ILE A 2 33.97 -9.58 12.36
C ILE A 2 33.30 -10.13 11.11
N GLN A 3 34.11 -10.59 10.15
CA GLN A 3 33.60 -11.21 8.95
C GLN A 3 33.47 -12.71 9.14
N MET A 4 32.44 -13.29 8.54
CA MET A 4 32.15 -14.71 8.64
C MET A 4 32.22 -15.33 7.25
N THR A 5 33.35 -15.95 6.93
CA THR A 5 33.53 -16.63 5.66
C THR A 5 33.03 -18.06 5.78
N GLN A 6 32.00 -18.40 5.02
CA GLN A 6 31.37 -19.71 5.05
C GLN A 6 31.69 -20.48 3.78
N SER A 7 31.91 -21.79 3.92
CA SER A 7 32.29 -22.61 2.77
C SER A 7 31.78 -24.03 2.97
N PRO A 8 31.27 -24.68 1.91
CA PRO A 8 31.12 -24.16 0.55
C PRO A 8 29.85 -23.31 0.42
N SER A 9 29.69 -22.58 -0.69
CA SER A 9 28.48 -21.76 -0.87
C SER A 9 27.27 -22.60 -1.26
N SER A 10 27.48 -23.81 -1.77
CA SER A 10 26.40 -24.69 -2.15
C SER A 10 26.96 -26.09 -2.39
N LEU A 11 26.13 -27.10 -2.18
CA LEU A 11 26.52 -28.47 -2.45
C LEU A 11 25.30 -29.27 -2.91
N SER A 12 25.58 -30.40 -3.53
CA SER A 12 24.55 -31.38 -3.90
C SER A 12 24.96 -32.72 -3.34
N ALA A 13 24.18 -33.24 -2.39
CA ALA A 13 24.49 -34.48 -1.70
C ALA A 13 23.27 -35.37 -1.66
N SER A 14 23.50 -36.66 -1.46
CA SER A 14 22.46 -37.66 -1.42
C SER A 14 22.15 -38.05 0.02
N VAL A 15 20.93 -38.57 0.21
CA VAL A 15 20.49 -38.99 1.54
C VAL A 15 21.42 -40.06 2.08
N GLY A 16 21.96 -39.83 3.27
CA GLY A 16 22.93 -40.71 3.88
C GLY A 16 24.36 -40.24 3.79
N ASP A 17 24.61 -39.08 3.19
CA ASP A 17 25.95 -38.54 3.06
C ASP A 17 26.27 -37.67 4.28
N ARG A 18 27.49 -37.82 4.80
CA ARG A 18 27.97 -37.02 5.90
C ARG A 18 28.59 -35.74 5.35
N VAL A 19 28.03 -34.59 5.74
CA VAL A 19 28.52 -33.30 5.27
C VAL A 19 28.94 -32.46 6.45
N THR A 20 29.97 -31.65 6.25
CA THR A 20 30.45 -30.69 7.23
C THR A 20 30.56 -29.33 6.56
N ILE A 21 29.81 -28.36 7.05
CA ILE A 21 29.85 -26.99 6.54
C ILE A 21 30.80 -26.19 7.42
N THR A 22 31.67 -25.42 6.78
CA THR A 22 32.72 -24.68 7.47
C THR A 22 32.40 -23.19 7.48
N CYS A 23 32.51 -22.58 8.65
CA CYS A 23 32.39 -21.13 8.81
C CYS A 23 33.58 -20.66 9.63
N ARG A 24 34.40 -19.79 9.05
CA ARG A 24 35.63 -19.34 9.67
C ARG A 24 35.56 -17.84 9.93
N ALA A 25 35.84 -17.44 11.16
CA ALA A 25 35.76 -16.05 11.57
C ALA A 25 37.07 -15.33 11.29
N SER A 26 36.96 -14.05 10.95
CA SER A 26 38.13 -13.23 10.66
C SER A 26 38.93 -12.91 11.92
N GLN A 27 38.32 -13.03 13.09
CA GLN A 27 39.00 -12.82 14.37
C GLN A 27 38.30 -13.66 15.43
N SER A 28 38.91 -13.71 16.62
CA SER A 28 38.37 -14.49 17.71
C SER A 28 36.95 -14.06 18.05
N VAL A 29 36.02 -15.02 18.04
CA VAL A 29 34.65 -14.81 18.49
C VAL A 29 34.30 -15.69 19.67
N SER A 30 35.30 -16.30 20.31
CA SER A 30 35.12 -17.26 21.40
C SER A 30 34.29 -18.41 20.83
N SER A 31 33.17 -18.78 21.45
CA SER A 31 32.30 -19.82 20.90
C SER A 31 30.88 -19.30 20.67
N ALA A 32 30.72 -17.98 20.55
CA ALA A 32 29.40 -17.37 20.36
C ALA A 32 29.01 -17.43 18.88
N VAL A 33 28.82 -18.66 18.40
CA VAL A 33 28.42 -18.93 17.04
C VAL A 33 27.19 -19.83 17.06
N ALA A 34 26.19 -19.49 16.27
CA ALA A 34 24.99 -20.29 16.11
C ALA A 34 24.84 -20.69 14.64
N TRP A 35 23.94 -21.63 14.40
CA TRP A 35 23.63 -22.08 13.05
C TRP A 35 22.12 -22.07 12.85
N TYR A 36 21.69 -21.68 11.65
CA TYR A 36 20.28 -21.59 11.31
C TYR A 36 20.00 -22.35 10.03
N GLN A 37 18.79 -22.91 9.95
CA GLN A 37 18.34 -23.63 8.76
C GLN A 37 17.17 -22.86 8.16
N GLN A 38 17.29 -22.51 6.88
CA GLN A 38 16.25 -21.76 6.18
C GLN A 38 15.87 -22.50 4.91
N LYS A 39 14.59 -22.88 4.82
CA LYS A 39 13.99 -23.50 3.65
C LYS A 39 13.28 -22.44 2.82
N PRO A 40 13.42 -22.52 1.49
CA PRO A 40 12.81 -21.54 0.59
C PRO A 40 11.42 -21.06 1.00
N GLY A 41 11.24 -19.74 1.06
CA GLY A 41 9.95 -19.15 1.38
C GLY A 41 9.54 -19.19 2.84
N LYS A 42 10.43 -19.62 3.74
CA LYS A 42 10.11 -19.75 5.15
C LYS A 42 11.06 -18.92 5.99
N ALA A 43 10.72 -18.83 7.28
CA ALA A 43 11.55 -18.12 8.25
C ALA A 43 12.63 -19.05 8.79
N PRO A 44 13.82 -18.52 9.08
CA PRO A 44 14.89 -19.36 9.61
C PRO A 44 14.52 -19.97 10.95
N LYS A 45 15.19 -21.09 11.26
CA LYS A 45 14.99 -21.81 12.52
C LYS A 45 16.35 -22.07 13.16
N LEU A 46 16.39 -21.94 14.48
CA LEU A 46 17.62 -22.15 15.23
C LEU A 46 17.92 -23.64 15.35
N LEU A 47 19.16 -24.03 15.08
CA LEU A 47 19.57 -25.42 15.12
C LEU A 47 20.43 -25.69 16.35
N ILE A 48 21.61 -25.10 16.43
CA ILE A 48 22.47 -25.23 17.60
C ILE A 48 23.03 -23.85 17.95
N TYR A 49 23.38 -23.69 19.22
CA TYR A 49 23.93 -22.44 19.73
C TYR A 49 25.22 -22.72 20.50
N SER A 50 25.93 -21.63 20.82
CA SER A 50 27.20 -21.71 21.55
C SER A 50 28.17 -22.68 20.86
N ALA A 51 28.21 -22.59 19.53
CA ALA A 51 29.12 -23.37 18.68
C ALA A 51 28.80 -24.87 18.67
N SER A 52 28.38 -25.43 19.81
CA SER A 52 28.24 -26.88 19.87
C SER A 52 27.11 -27.38 20.76
N SER A 53 26.13 -26.55 21.11
CA SER A 53 25.02 -26.94 21.96
C SER A 53 23.77 -27.03 21.10
N LEU A 54 23.10 -28.18 21.13
CA LEU A 54 21.93 -28.42 20.30
C LEU A 54 20.69 -27.78 20.92
N TYR A 55 19.90 -27.11 20.08
CA TYR A 55 18.65 -26.51 20.53
C TYR A 55 17.52 -27.53 20.69
N SER A 56 16.56 -27.18 21.55
CA SER A 56 15.47 -28.09 21.87
C SER A 56 14.64 -28.42 20.62
N GLY A 57 14.26 -29.69 20.50
CA GLY A 57 13.49 -30.16 19.37
C GLY A 57 14.22 -30.51 18.10
N VAL A 58 15.52 -30.24 18.03
CA VAL A 58 16.31 -30.50 16.82
C VAL A 58 16.93 -31.89 16.92
N PRO A 59 16.80 -32.72 15.90
CA PRO A 59 17.36 -34.08 15.97
C PRO A 59 18.86 -34.15 16.22
N SER A 60 19.30 -35.33 16.66
CA SER A 60 20.70 -35.56 17.01
C SER A 60 21.61 -35.65 15.80
N ARG A 61 21.07 -35.60 14.58
CA ARG A 61 21.89 -35.63 13.38
C ARG A 61 22.70 -34.36 13.18
N PHE A 62 22.42 -33.31 13.96
CA PHE A 62 23.10 -32.03 13.83
C PHE A 62 24.14 -31.89 14.95
N SER A 63 25.34 -31.44 14.59
CA SER A 63 26.40 -31.24 15.56
C SER A 63 27.28 -30.09 15.11
N GLY A 64 27.98 -29.50 16.07
CA GLY A 64 28.87 -28.39 15.80
C GLY A 64 30.16 -28.52 16.57
N SER A 65 31.21 -27.90 16.04
CA SER A 65 32.53 -27.98 16.65
C SER A 65 33.26 -26.67 16.44
N ARG A 66 34.24 -26.42 17.31
CA ARG A 66 35.07 -25.23 17.23
C ARG A 66 36.53 -25.64 17.27
N SER A 67 37.34 -25.01 16.40
CA SER A 67 38.79 -25.19 16.38
C SER A 67 39.42 -23.80 16.27
N GLY A 68 39.49 -23.10 17.40
CA GLY A 68 39.98 -21.74 17.41
C GLY A 68 38.98 -20.77 16.84
N THR A 69 39.28 -20.20 15.67
CA THR A 69 38.35 -19.35 14.95
C THR A 69 37.61 -20.11 13.87
N ASP A 70 37.75 -21.43 13.82
CA ASP A 70 37.05 -22.27 12.86
C ASP A 70 35.81 -22.86 13.53
N PHE A 71 34.73 -22.97 12.74
CA PHE A 71 33.47 -23.48 13.24
C PHE A 71 32.82 -24.33 12.16
N THR A 72 32.59 -25.61 12.46
CA THR A 72 31.99 -26.55 11.53
C THR A 72 30.63 -27.00 12.04
N LEU A 73 29.66 -27.04 11.14
CA LEU A 73 28.35 -27.65 11.41
C LEU A 73 28.29 -28.96 10.64
N THR A 74 27.93 -30.04 11.32
CA THR A 74 28.03 -31.39 10.78
C THR A 74 26.69 -32.08 10.95
N ILE A 75 26.11 -32.52 9.84
CA ILE A 75 24.98 -33.45 9.83
C ILE A 75 25.55 -34.85 9.59
N SER A 76 25.38 -35.73 10.57
CA SER A 76 25.97 -37.07 10.47
C SER A 76 25.60 -37.85 9.21
N SER A 77 24.36 -37.70 8.75
CA SER A 77 23.91 -38.35 7.53
C SER A 77 22.68 -37.62 7.03
N LEU A 78 22.70 -37.21 5.76
CA LEU A 78 21.58 -36.47 5.19
C LEU A 78 20.30 -37.30 5.25
N GLN A 79 19.18 -36.60 5.34
CA GLN A 79 17.87 -37.21 5.48
C GLN A 79 16.87 -36.42 4.66
N PRO A 80 15.75 -37.05 4.25
CA PRO A 80 14.80 -36.34 3.37
C PRO A 80 13.99 -35.21 3.98
N GLU A 81 14.56 -34.49 4.95
CA GLU A 81 13.92 -33.32 5.52
C GLU A 81 14.90 -32.17 5.70
N ASP A 82 16.11 -32.26 5.16
CA ASP A 82 17.19 -31.34 5.49
C ASP A 82 17.56 -30.47 4.29
N PHE A 83 16.77 -30.49 3.22
CA PHE A 83 17.06 -29.62 2.08
C PHE A 83 16.76 -28.17 2.48
N ALA A 84 17.80 -27.33 2.50
CA ALA A 84 17.68 -25.95 2.94
C ALA A 84 18.99 -25.19 2.78
N THR A 85 19.00 -23.94 3.20
CA THR A 85 20.21 -23.12 3.26
C THR A 85 20.59 -22.95 4.72
N TYR A 86 21.90 -23.03 4.99
CA TYR A 86 22.40 -22.99 6.36
C TYR A 86 23.33 -21.79 6.53
N TYR A 87 23.17 -21.09 7.66
CA TYR A 87 23.91 -19.88 7.94
C TYR A 87 24.61 -19.99 9.28
N CYS A 88 25.82 -19.43 9.36
CA CYS A 88 26.51 -19.24 10.62
C CYS A 88 26.38 -17.78 11.03
N GLN A 89 26.40 -17.54 12.34
CA GLN A 89 26.18 -16.19 12.87
C GLN A 89 26.93 -16.05 14.19
N GLN A 90 27.73 -15.00 14.31
CA GLN A 90 28.47 -14.72 15.53
C GLN A 90 27.70 -13.72 16.39
N SER A 91 27.74 -13.94 17.70
CA SER A 91 27.15 -13.04 18.68
C SER A 91 28.17 -12.64 19.73
N TYR A 92 29.46 -12.58 19.33
CA TYR A 92 30.49 -12.20 20.29
C TYR A 92 30.60 -10.69 20.42
N SER A 93 30.42 -9.96 19.32
CA SER A 93 30.50 -8.51 19.35
C SER A 93 29.51 -7.93 18.33
N PHE A 94 29.03 -6.73 18.62
CA PHE A 94 28.18 -6.03 17.68
C PHE A 94 29.03 -5.21 16.69
N PRO A 95 28.66 -5.15 15.42
CA PRO A 95 27.46 -5.74 14.79
C PRO A 95 27.55 -7.26 14.64
N ASN A 96 26.47 -7.97 14.99
CA ASN A 96 26.40 -9.39 14.69
C ASN A 96 26.46 -9.57 13.17
N THR A 97 27.12 -10.66 12.74
CA THR A 97 27.34 -10.89 11.32
C THR A 97 27.01 -12.32 10.97
N PHE A 98 26.28 -12.50 9.86
CA PHE A 98 25.95 -13.81 9.34
C PHE A 98 26.98 -14.22 8.28
N GLY A 99 27.14 -15.52 8.12
CA GLY A 99 27.86 -16.03 6.98
C GLY A 99 27.05 -15.84 5.70
N GLN A 100 27.72 -16.07 4.57
CA GLN A 100 27.04 -15.92 3.28
C GLN A 100 26.00 -17.01 3.05
N GLY A 101 26.04 -18.10 3.80
CA GLY A 101 25.07 -19.15 3.65
C GLY A 101 25.59 -20.30 2.81
N THR A 102 24.98 -21.47 3.00
CA THR A 102 25.32 -22.67 2.24
C THR A 102 24.03 -23.34 1.79
N LYS A 103 23.85 -23.46 0.48
CA LYS A 103 22.65 -24.06 -0.09
C LYS A 103 22.86 -25.57 -0.22
N VAL A 104 22.05 -26.33 0.51
CA VAL A 104 22.15 -27.79 0.53
C VAL A 104 21.03 -28.33 -0.35
N GLU A 105 21.40 -29.00 -1.44
CA GLU A 105 20.45 -29.61 -2.37
C GLU A 105 20.68 -31.12 -2.40
N ILE A 106 19.70 -31.83 -2.96
CA ILE A 106 19.65 -33.28 -2.90
C ILE A 106 20.12 -33.87 -4.22
N LYS A 107 21.08 -34.80 -4.14
CA LYS A 107 21.55 -35.50 -5.33
C LYS A 107 20.60 -36.63 -5.70
N ARG A 108 20.44 -36.85 -7.01
CA ARG A 108 19.49 -37.82 -7.54
C ARG A 108 19.88 -38.10 -8.99
N THR A 109 19.34 -39.18 -9.54
CA THR A 109 19.69 -39.62 -10.88
C THR A 109 19.28 -38.60 -11.94
N VAL A 110 19.85 -38.75 -13.14
CA VAL A 110 19.59 -37.80 -14.21
C VAL A 110 18.17 -37.97 -14.73
N ALA A 111 17.45 -36.86 -14.87
CA ALA A 111 16.10 -36.85 -15.42
C ALA A 111 16.06 -35.93 -16.63
N ALA A 112 15.52 -36.45 -17.74
CA ALA A 112 15.44 -35.69 -18.98
C ALA A 112 14.27 -34.71 -18.93
N PRO A 113 14.40 -33.56 -19.59
CA PRO A 113 13.33 -32.56 -19.55
C PRO A 113 12.27 -32.82 -20.61
N SER A 114 11.02 -32.58 -20.23
CA SER A 114 9.91 -32.58 -21.17
C SER A 114 9.69 -31.15 -21.64
N VAL A 115 9.75 -30.93 -22.95
CA VAL A 115 9.81 -29.60 -23.53
C VAL A 115 8.48 -29.26 -24.18
N PHE A 116 7.98 -28.05 -23.92
CA PHE A 116 6.76 -27.54 -24.54
C PHE A 116 7.02 -26.12 -25.02
N ILE A 117 6.46 -25.79 -26.19
CA ILE A 117 6.55 -24.46 -26.75
C ILE A 117 5.14 -23.86 -26.80
N PHE A 118 5.02 -22.61 -26.38
CA PHE A 118 3.73 -21.92 -26.31
C PHE A 118 3.77 -20.70 -27.24
N PRO A 119 2.94 -20.65 -28.27
CA PRO A 119 2.92 -19.47 -29.14
C PRO A 119 2.35 -18.27 -28.42
N PRO A 120 2.64 -17.06 -28.89
CA PRO A 120 2.05 -15.86 -28.28
C PRO A 120 0.52 -15.92 -28.29
N SER A 121 -0.08 -15.25 -27.31
CA SER A 121 -1.51 -15.37 -27.04
C SER A 121 -2.31 -14.35 -27.84
N ASP A 122 -3.39 -14.82 -28.47
CA ASP A 122 -4.20 -13.95 -29.31
C ASP A 122 -4.66 -12.69 -28.57
N GLU A 123 -4.88 -12.80 -27.24
CA GLU A 123 -5.13 -11.61 -26.45
C GLU A 123 -3.89 -10.72 -26.37
N GLN A 124 -2.69 -11.31 -26.43
CA GLN A 124 -1.47 -10.53 -26.27
C GLN A 124 -1.05 -9.84 -27.57
N LEU A 125 -1.24 -10.50 -28.72
CA LEU A 125 -0.91 -9.83 -29.98
C LEU A 125 -1.73 -8.55 -30.16
N LYS A 126 -2.90 -8.46 -29.53
CA LYS A 126 -3.67 -7.23 -29.59
C LYS A 126 -2.92 -6.07 -28.95
N SER A 127 -2.05 -6.36 -27.98
CA SER A 127 -1.30 -5.32 -27.28
C SER A 127 -0.08 -4.84 -28.04
N GLY A 128 0.27 -5.47 -29.16
CA GLY A 128 1.39 -5.04 -29.97
C GLY A 128 2.73 -5.64 -29.59
N THR A 129 2.78 -6.48 -28.56
CA THR A 129 4.01 -7.15 -28.16
C THR A 129 3.82 -8.66 -28.27
N ALA A 130 4.92 -9.36 -28.53
CA ALA A 130 4.91 -10.80 -28.69
C ALA A 130 5.79 -11.44 -27.62
N SER A 131 5.44 -12.67 -27.24
CA SER A 131 6.20 -13.40 -26.22
C SER A 131 6.00 -14.90 -26.46
N VAL A 132 7.07 -15.56 -26.90
CA VAL A 132 7.07 -17.01 -27.05
C VAL A 132 7.73 -17.62 -25.83
N VAL A 133 7.09 -18.64 -25.26
CA VAL A 133 7.53 -19.24 -24.00
C VAL A 133 7.87 -20.70 -24.26
N CYS A 134 9.10 -21.08 -23.91
CA CYS A 134 9.57 -22.46 -23.97
C CYS A 134 9.66 -23.00 -22.55
N LEU A 135 9.11 -24.19 -22.32
CA LEU A 135 9.02 -24.78 -21.00
C LEU A 135 9.84 -26.05 -20.94
N LEU A 136 10.61 -26.23 -19.88
CA LEU A 136 11.38 -27.41 -19.73
C LEU A 136 10.94 -28.09 -18.47
N ASN A 137 9.90 -28.90 -18.52
CA ASN A 137 9.42 -29.54 -17.32
C ASN A 137 10.25 -30.61 -16.70
N ASN A 138 10.21 -30.62 -15.39
CA ASN A 138 10.89 -31.56 -14.53
C ASN A 138 12.15 -32.29 -14.95
N PHE A 139 13.31 -31.73 -14.67
CA PHE A 139 14.54 -32.39 -15.03
C PHE A 139 15.60 -32.34 -13.96
N TYR A 140 16.72 -32.97 -14.20
CA TYR A 140 17.86 -32.99 -13.29
C TYR A 140 19.04 -33.23 -14.22
N PRO A 141 20.07 -32.37 -14.20
CA PRO A 141 20.25 -31.22 -13.32
C PRO A 141 19.83 -29.86 -13.86
N ARG A 142 19.98 -28.83 -13.00
CA ARG A 142 19.61 -27.47 -13.37
C ARG A 142 20.28 -27.02 -14.67
N GLU A 143 21.43 -27.60 -14.98
CA GLU A 143 22.23 -27.21 -16.13
C GLU A 143 21.46 -27.55 -17.41
N ALA A 144 21.06 -26.52 -18.14
CA ALA A 144 20.34 -26.68 -19.40
C ALA A 144 20.59 -25.46 -20.26
N LYS A 145 20.72 -25.68 -21.57
CA LYS A 145 20.95 -24.61 -22.53
C LYS A 145 19.70 -24.46 -23.39
N VAL A 146 19.13 -23.26 -23.39
CA VAL A 146 17.97 -22.93 -24.22
C VAL A 146 18.40 -21.87 -25.22
N GLN A 147 18.20 -22.18 -26.50
CA GLN A 147 18.58 -21.28 -27.56
C GLN A 147 17.34 -21.04 -28.38
N TRP A 148 17.16 -19.79 -28.80
CA TRP A 148 15.98 -19.42 -29.56
C TRP A 148 16.10 -19.46 -31.06
N LYS A 149 15.18 -20.24 -31.63
CA LYS A 149 15.00 -20.49 -33.05
C LYS A 149 14.67 -19.20 -33.79
N ASN A 152 15.99 -17.72 -39.49
CA ASN A 152 16.29 -18.56 -38.35
C ASN A 152 17.64 -18.22 -37.77
N ALA A 153 17.97 -16.95 -37.68
CA ALA A 153 19.23 -16.54 -37.08
C ALA A 153 19.02 -16.74 -35.61
N LEU A 154 20.05 -17.21 -34.92
CA LEU A 154 19.85 -17.44 -33.52
C LEU A 154 19.93 -16.16 -32.77
N GLN A 155 18.91 -15.93 -31.97
CA GLN A 155 18.79 -14.68 -31.24
C GLN A 155 19.65 -14.57 -30.02
N SER A 156 20.00 -13.35 -29.74
CA SER A 156 20.92 -13.04 -28.64
C SER A 156 20.50 -11.74 -27.97
N GLY A 157 20.54 -11.74 -26.64
CA GLY A 157 20.27 -10.55 -25.86
C GLY A 157 18.81 -10.23 -25.63
N ASN A 158 17.89 -10.99 -26.22
CA ASN A 158 16.47 -10.70 -26.06
C ASN A 158 15.73 -11.91 -25.51
N SER A 159 16.27 -12.53 -24.45
CA SER A 159 15.65 -13.68 -23.83
C SER A 159 16.00 -13.70 -22.35
N GLN A 160 15.05 -14.17 -21.53
CA GLN A 160 15.23 -14.25 -20.10
C GLN A 160 14.83 -15.64 -19.62
N GLU A 161 15.54 -16.12 -18.59
CA GLU A 161 15.34 -17.46 -18.07
C GLU A 161 14.94 -17.40 -16.60
N SER A 162 14.18 -18.39 -16.16
CA SER A 162 13.78 -18.52 -14.76
C SER A 162 13.69 -20.00 -14.42
N VAL A 163 14.18 -20.34 -13.23
CA VAL A 163 14.25 -21.73 -12.78
C VAL A 163 13.58 -21.84 -11.42
N THR A 164 12.77 -22.88 -11.24
CA THR A 164 12.13 -23.14 -9.96
C THR A 164 13.14 -23.73 -8.98
N GLU A 165 12.71 -23.86 -7.73
CA GLU A 165 13.51 -24.54 -6.72
C GLU A 165 13.40 -26.05 -6.90
N GLN A 166 14.15 -26.79 -6.09
CA GLN A 166 14.10 -28.24 -6.14
C GLN A 166 12.78 -28.72 -5.54
N ASP A 167 12.03 -29.50 -6.32
CA ASP A 167 10.77 -30.04 -5.83
C ASP A 167 11.02 -30.98 -4.65
N SER A 168 10.23 -30.84 -3.60
CA SER A 168 10.44 -31.61 -2.38
C SER A 168 10.09 -33.08 -2.55
N LYS A 169 9.52 -33.49 -3.68
CA LYS A 169 9.14 -34.88 -3.92
C LYS A 169 10.10 -35.56 -4.87
N ASP A 170 10.13 -35.18 -6.14
CA ASP A 170 10.95 -35.84 -7.14
C ASP A 170 12.29 -35.15 -7.38
N SER A 171 12.59 -34.08 -6.63
CA SER A 171 13.89 -33.41 -6.68
C SER A 171 14.23 -32.92 -8.09
N THR A 172 13.23 -32.49 -8.85
CA THR A 172 13.42 -32.02 -10.21
C THR A 172 13.44 -30.50 -10.28
N TYR A 173 13.78 -30.01 -11.47
CA TYR A 173 13.82 -28.58 -11.76
C TYR A 173 12.97 -28.28 -12.99
N SER A 174 12.54 -27.04 -13.10
CA SER A 174 11.80 -26.59 -14.28
C SER A 174 12.31 -25.22 -14.70
N LEU A 175 12.22 -24.94 -15.99
CA LEU A 175 12.80 -23.73 -16.56
C LEU A 175 11.84 -23.13 -17.58
N SER A 176 11.85 -21.80 -17.66
CA SER A 176 11.11 -21.06 -18.67
C SER A 176 12.02 -20.08 -19.38
N SER A 177 11.73 -19.84 -20.65
CA SER A 177 12.48 -18.88 -21.46
C SER A 177 11.50 -18.10 -22.31
N THR A 178 11.63 -16.77 -22.31
CA THR A 178 10.68 -15.89 -22.99
C THR A 178 11.43 -15.04 -24.02
N LEU A 179 11.00 -15.11 -25.27
CA LEU A 179 11.52 -14.29 -26.35
C LEU A 179 10.48 -13.23 -26.69
N THR A 180 10.93 -11.98 -26.85
CA THR A 180 10.01 -10.85 -26.94
C THR A 180 9.96 -10.35 -28.37
N LEU A 181 10.82 -9.43 -28.77
CA LEU A 181 10.76 -8.70 -30.06
C LEU A 181 9.44 -7.92 -30.08
N SER A 182 8.73 -7.91 -31.20
CA SER A 182 7.46 -7.18 -31.31
C SER A 182 6.59 -8.05 -32.22
N LYS A 183 5.28 -7.76 -32.21
CA LYS A 183 4.36 -8.52 -33.04
C LYS A 183 4.60 -8.26 -34.53
N ALA A 184 5.00 -7.03 -34.88
CA ALA A 184 5.33 -6.74 -36.27
C ALA A 184 6.45 -7.68 -36.70
N ASP A 185 7.48 -7.82 -35.86
CA ASP A 185 8.54 -8.78 -36.16
C ASP A 185 8.03 -10.21 -36.10
N TYR A 186 7.04 -10.47 -35.25
CA TYR A 186 6.54 -11.84 -35.08
C TYR A 186 5.87 -12.37 -36.33
N GLU A 187 5.25 -11.48 -37.12
CA GLU A 187 4.50 -11.89 -38.31
C GLU A 187 5.33 -11.84 -39.58
N LYS A 188 6.61 -11.46 -39.49
CA LYS A 188 7.50 -11.50 -40.64
C LYS A 188 8.23 -12.83 -40.78
N HIS A 189 8.33 -13.60 -39.71
CA HIS A 189 8.95 -14.91 -39.71
C HIS A 189 7.88 -15.98 -39.61
N LYS A 190 8.27 -17.23 -39.90
CA LYS A 190 7.28 -18.31 -39.97
C LYS A 190 7.41 -19.29 -38.81
N VAL A 191 8.27 -20.29 -38.96
CA VAL A 191 8.39 -21.34 -37.95
C VAL A 191 9.22 -20.83 -36.78
N TYR A 192 8.70 -21.06 -35.57
CA TYR A 192 9.38 -20.68 -34.34
C TYR A 192 9.70 -21.94 -33.54
N ALA A 193 10.88 -21.97 -32.94
CA ALA A 193 11.35 -23.18 -32.27
C ALA A 193 12.37 -22.82 -31.20
N CYS A 194 12.26 -23.49 -30.06
CA CYS A 194 13.26 -23.39 -28.99
C CYS A 194 14.06 -24.68 -28.95
N GLU A 195 15.38 -24.55 -28.92
CA GLU A 195 16.29 -25.69 -28.87
C GLU A 195 16.88 -25.81 -27.48
N VAL A 196 16.83 -27.01 -26.91
CA VAL A 196 17.27 -27.28 -25.56
C VAL A 196 18.28 -28.43 -25.57
N THR A 197 19.35 -28.26 -24.81
CA THR A 197 20.36 -29.30 -24.63
C THR A 197 20.42 -29.68 -23.16
N HIS A 198 20.39 -30.98 -22.89
CA HIS A 198 20.45 -31.47 -21.51
C HIS A 198 21.24 -32.77 -21.48
N GLN A 199 21.78 -33.06 -20.30
CA GLN A 199 22.59 -34.26 -20.13
C GLN A 199 21.76 -35.53 -20.37
N GLY A 200 20.51 -35.51 -19.95
CA GLY A 200 19.66 -36.69 -20.12
C GLY A 200 19.09 -36.80 -21.51
N LEU A 201 19.63 -36.03 -22.44
CA LEU A 201 19.20 -36.00 -23.83
C LEU A 201 20.35 -36.45 -24.71
N SER A 202 20.11 -37.49 -25.52
CA SER A 202 21.14 -37.98 -26.42
C SER A 202 21.48 -36.95 -27.50
N SER A 203 20.51 -36.13 -27.90
CA SER A 203 20.69 -35.11 -28.91
C SER A 203 19.82 -33.91 -28.53
N PRO A 204 20.17 -32.72 -29.00
CA PRO A 204 19.31 -31.56 -28.73
C PRO A 204 17.91 -31.76 -29.29
N VAL A 205 16.91 -31.42 -28.48
CA VAL A 205 15.51 -31.58 -28.85
C VAL A 205 14.94 -30.20 -29.16
N THR A 206 14.19 -30.12 -30.27
CA THR A 206 13.62 -28.86 -30.73
C THR A 206 12.12 -29.03 -30.90
N LYS A 207 11.36 -28.25 -30.14
CA LYS A 207 9.92 -28.19 -30.28
C LYS A 207 9.54 -26.91 -31.02
N SER A 208 8.63 -27.03 -31.99
CA SER A 208 8.30 -25.92 -32.87
C SER A 208 6.80 -25.91 -33.13
N PHE A 209 6.35 -24.81 -33.73
CA PHE A 209 4.97 -24.69 -34.17
C PHE A 209 4.89 -23.90 -35.48
N ASN A 210 3.78 -24.10 -36.19
CA ASN A 210 3.49 -23.35 -37.40
C ASN A 210 2.49 -22.25 -37.07
N ARG A 211 2.76 -21.02 -37.51
CA ARG A 211 1.86 -19.91 -37.27
C ARG A 211 0.65 -20.15 -38.18
N GLY A 212 -0.42 -20.70 -37.61
CA GLY A 212 -1.60 -21.00 -38.38
C GLY A 212 -2.23 -22.30 -37.95
N GLU A 213 -1.72 -22.87 -36.86
CA GLU A 213 -2.21 -24.12 -36.29
C GLU A 213 -2.20 -25.24 -37.33
N GLU B 1 1.43 -19.73 21.33
CA GLU B 1 2.72 -19.63 22.01
C GLU B 1 3.44 -18.33 21.63
N VAL B 2 4.73 -18.45 21.32
CA VAL B 2 5.54 -17.29 20.97
C VAL B 2 5.33 -16.96 19.50
N GLN B 3 5.04 -15.68 19.22
CA GLN B 3 4.80 -15.22 17.86
C GLN B 3 5.45 -13.86 17.65
N LEU B 4 5.95 -13.64 16.43
CA LEU B 4 6.50 -12.35 16.01
C LEU B 4 5.82 -11.96 14.71
N VAL B 5 5.16 -10.81 14.70
CA VAL B 5 4.38 -10.35 13.56
C VAL B 5 4.93 -9.01 13.10
N GLU B 6 5.61 -9.00 11.96
CA GLU B 6 6.16 -7.78 11.39
C GLU B 6 5.13 -7.12 10.47
N SER B 7 5.12 -5.79 10.48
CA SER B 7 4.23 -5.01 9.64
C SER B 7 4.88 -3.68 9.32
N GLY B 8 4.31 -2.98 8.35
CA GLY B 8 4.81 -1.69 7.93
C GLY B 8 5.58 -1.69 6.63
N GLY B 9 5.87 -2.87 6.07
CA GLY B 9 6.57 -2.93 4.81
C GLY B 9 5.73 -2.38 3.66
N GLY B 10 6.41 -2.03 2.59
CA GLY B 10 5.73 -1.49 1.43
C GLY B 10 6.71 -0.97 0.40
N LEU B 11 6.20 -0.12 -0.48
CA LEU B 11 6.98 0.45 -1.58
C LEU B 11 7.20 1.94 -1.33
N VAL B 12 8.45 2.38 -1.46
CA VAL B 12 8.81 3.78 -1.26
C VAL B 12 9.88 4.18 -2.27
N GLN B 13 9.99 5.48 -2.48
CA GLN B 13 11.03 6.04 -3.32
C GLN B 13 12.36 6.05 -2.57
N PRO B 14 13.48 6.06 -3.30
CA PRO B 14 14.78 6.27 -2.64
C PRO B 14 14.78 7.58 -1.87
N GLY B 15 15.37 7.55 -0.68
CA GLY B 15 15.34 8.68 0.23
C GLY B 15 14.09 8.78 1.08
N GLY B 16 13.12 7.90 0.89
CA GLY B 16 11.91 7.92 1.67
C GLY B 16 12.11 7.38 3.07
N SER B 17 10.99 7.22 3.77
CA SER B 17 11.00 6.76 5.15
C SER B 17 9.93 5.70 5.35
N LEU B 18 10.22 4.74 6.24
CA LEU B 18 9.28 3.70 6.62
C LEU B 18 9.50 3.35 8.08
N ARG B 19 8.42 2.95 8.75
CA ARG B 19 8.46 2.53 10.15
C ARG B 19 7.88 1.13 10.25
N LEU B 20 8.73 0.16 10.55
CA LEU B 20 8.30 -1.22 10.72
C LEU B 20 7.97 -1.51 12.18
N SER B 21 7.01 -2.40 12.39
CA SER B 21 6.60 -2.84 13.71
C SER B 21 6.80 -4.34 13.84
N CYS B 22 6.91 -4.80 15.08
CA CYS B 22 7.06 -6.22 15.40
C CYS B 22 6.25 -6.49 16.66
N ALA B 23 5.04 -7.02 16.50
CA ALA B 23 4.17 -7.33 17.62
C ALA B 23 4.50 -8.72 18.15
N ALA B 24 4.77 -8.80 19.46
CA ALA B 24 5.14 -10.03 20.11
C ALA B 24 4.00 -10.57 20.95
N SER B 25 3.80 -11.88 20.91
CA SER B 25 2.78 -12.55 21.71
C SER B 25 3.39 -13.80 22.34
N GLY B 26 2.86 -14.17 23.51
CA GLY B 26 3.35 -15.31 24.25
C GLY B 26 4.56 -15.04 25.12
N PHE B 27 5.12 -13.83 25.06
CA PHE B 27 6.24 -13.45 25.91
C PHE B 27 6.32 -11.94 25.94
N TYR B 28 7.08 -11.41 26.90
CA TYR B 28 7.23 -9.98 27.09
C TYR B 28 8.63 -9.57 26.67
N ILE B 29 8.71 -8.62 25.73
CA ILE B 29 9.99 -8.22 25.15
C ILE B 29 10.90 -7.51 26.14
N SER B 30 10.39 -7.12 27.31
CA SER B 30 11.22 -6.42 28.28
C SER B 30 12.27 -7.31 28.93
N TYR B 31 12.19 -8.63 28.73
CA TYR B 31 13.14 -9.57 29.31
C TYR B 31 14.05 -10.21 28.26
N SER B 32 14.00 -9.73 27.02
CA SER B 32 14.75 -10.35 25.93
C SER B 32 15.34 -9.26 25.06
N SER B 33 16.29 -9.66 24.21
CA SER B 33 16.83 -8.80 23.17
C SER B 33 16.10 -9.06 21.87
N ILE B 34 15.74 -7.98 21.18
CA ILE B 34 15.02 -8.05 19.92
C ILE B 34 15.95 -7.61 18.80
N HIS B 35 16.10 -8.45 17.79
CA HIS B 35 16.95 -8.18 16.63
C HIS B 35 16.11 -8.03 15.37
N TRP B 36 16.60 -7.20 14.45
CA TRP B 36 16.05 -7.11 13.10
C TRP B 36 17.08 -7.67 12.13
N VAL B 37 16.64 -8.56 11.25
CA VAL B 37 17.48 -9.16 10.22
C VAL B 37 16.73 -9.11 8.90
N ARG B 38 17.41 -8.68 7.85
CA ARG B 38 16.78 -8.54 6.53
C ARG B 38 17.42 -9.51 5.54
N GLN B 39 16.70 -9.75 4.45
CA GLN B 39 17.14 -10.72 3.44
C GLN B 39 16.63 -10.25 2.08
N ALA B 40 17.56 -9.81 1.23
CA ALA B 40 17.21 -9.43 -0.12
C ALA B 40 16.73 -10.65 -0.90
N PRO B 41 15.90 -10.45 -1.93
CA PRO B 41 15.36 -11.62 -2.67
C PRO B 41 16.45 -12.44 -3.31
N GLY B 42 16.58 -13.69 -2.87
CA GLY B 42 17.55 -14.61 -3.41
C GLY B 42 18.93 -14.55 -2.79
N LYS B 43 19.10 -13.78 -1.73
CA LYS B 43 20.39 -13.64 -1.06
C LYS B 43 20.29 -14.15 0.37
N GLY B 44 21.31 -13.85 1.18
CA GLY B 44 21.42 -14.37 2.52
C GLY B 44 20.91 -13.41 3.58
N LEU B 45 20.90 -13.90 4.81
CA LEU B 45 20.48 -13.10 5.95
C LEU B 45 21.52 -12.03 6.26
N GLU B 46 21.05 -10.84 6.61
CA GLU B 46 21.91 -9.73 6.96
C GLU B 46 21.38 -9.08 8.23
N TRP B 47 22.18 -9.12 9.29
CA TRP B 47 21.83 -8.48 10.55
C TRP B 47 21.72 -6.97 10.37
N VAL B 48 20.69 -6.38 10.96
CA VAL B 48 20.38 -4.96 10.79
C VAL B 48 20.60 -4.18 12.09
N ALA B 49 19.85 -4.52 13.13
CA ALA B 49 19.93 -3.79 14.39
C ALA B 49 19.44 -4.68 15.52
N SER B 50 19.62 -4.21 16.74
CA SER B 50 19.17 -4.93 17.93
C SER B 50 19.04 -3.97 19.09
N ILE B 51 18.15 -4.32 20.02
CA ILE B 51 17.96 -3.56 21.25
C ILE B 51 18.09 -4.53 22.43
N SER B 52 18.64 -4.04 23.53
CA SER B 52 18.93 -4.86 24.69
C SER B 52 17.93 -4.60 25.81
N PRO B 53 17.64 -5.58 26.65
CA PRO B 53 16.68 -5.38 27.74
C PRO B 53 17.28 -4.60 28.89
N TYR B 54 16.38 -4.03 29.70
CA TYR B 54 16.70 -3.31 30.92
C TYR B 54 17.46 -2.00 30.65
N SER B 55 18.45 -2.03 29.78
CA SER B 55 19.22 -0.84 29.47
C SER B 55 18.71 -0.10 28.24
N GLY B 56 18.05 -0.81 27.33
CA GLY B 56 17.59 -0.20 26.10
C GLY B 56 18.67 0.17 25.12
N SER B 57 19.90 -0.31 25.33
CA SER B 57 21.00 0.01 24.43
C SER B 57 20.73 -0.57 23.04
N THR B 58 21.21 0.14 22.02
CA THR B 58 20.95 -0.20 20.63
C THR B 58 22.25 -0.38 19.88
N TYR B 59 22.21 -1.23 18.85
CA TYR B 59 23.36 -1.52 18.02
C TYR B 59 22.91 -1.65 16.57
N TYR B 60 23.80 -1.33 15.65
CA TYR B 60 23.44 -1.24 14.24
C TYR B 60 24.56 -1.78 13.37
N ALA B 61 24.19 -2.19 12.16
CA ALA B 61 25.17 -2.59 11.15
C ALA B 61 25.72 -1.35 10.46
N ASP B 62 26.94 -1.50 9.91
CA ASP B 62 27.60 -0.37 9.27
C ASP B 62 26.80 0.17 8.09
N SER B 63 26.02 -0.69 7.43
CA SER B 63 25.26 -0.27 6.26
C SER B 63 23.99 0.49 6.61
N VAL B 64 23.58 0.51 7.89
CA VAL B 64 22.36 1.20 8.32
C VAL B 64 22.61 2.20 9.44
N LYS B 65 23.83 2.29 9.95
CA LYS B 65 24.11 3.20 11.05
C LYS B 65 23.89 4.65 10.63
N GLY B 66 23.17 5.40 11.47
CA GLY B 66 22.83 6.77 11.19
C GLY B 66 21.51 6.95 10.48
N ARG B 67 21.09 5.97 9.67
CA ARG B 67 19.84 6.05 8.93
C ARG B 67 18.69 5.33 9.61
N PHE B 68 18.96 4.34 10.45
CA PHE B 68 17.94 3.53 11.08
C PHE B 68 17.88 3.83 12.58
N THR B 69 16.74 3.52 13.18
CA THR B 69 16.55 3.65 14.63
C THR B 69 15.71 2.48 15.11
N ILE B 70 16.27 1.68 16.01
CA ILE B 70 15.55 0.60 16.66
C ILE B 70 15.15 1.06 18.06
N SER B 71 13.95 0.67 18.48
CA SER B 71 13.45 1.04 19.80
C SER B 71 12.36 0.05 20.19
N ALA B 72 11.86 0.19 21.41
CA ALA B 72 10.85 -0.73 21.93
C ALA B 72 9.88 0.03 22.83
N ASP B 73 8.68 -0.53 22.96
CA ASP B 73 7.65 -0.02 23.85
C ASP B 73 7.13 -1.22 24.64
N THR B 74 7.59 -1.36 25.89
CA THR B 74 7.23 -2.53 26.68
C THR B 74 5.75 -2.54 27.04
N SER B 75 5.14 -1.37 27.17
CA SER B 75 3.70 -1.32 27.44
C SER B 75 2.90 -1.85 26.26
N LYS B 76 3.45 -1.75 25.05
CA LYS B 76 2.82 -2.30 23.86
C LYS B 76 3.38 -3.65 23.45
N ASN B 77 4.43 -4.13 24.13
CA ASN B 77 5.09 -5.39 23.79
C ASN B 77 5.44 -5.43 22.30
N THR B 78 5.99 -4.32 21.81
CA THR B 78 6.23 -4.14 20.39
C THR B 78 7.55 -3.43 20.17
N ALA B 79 8.38 -3.96 19.29
CA ALA B 79 9.59 -3.31 18.85
C ALA B 79 9.35 -2.58 17.54
N TYR B 80 10.24 -1.65 17.21
CA TYR B 80 10.08 -0.81 16.05
C TYR B 80 11.43 -0.61 15.37
N LEU B 81 11.37 -0.39 14.05
CA LEU B 81 12.56 -0.05 13.25
C LEU B 81 12.18 1.13 12.36
N GLN B 82 12.63 2.32 12.74
CA GLN B 82 12.45 3.50 11.90
C GLN B 82 13.50 3.49 10.79
N MET B 83 13.06 3.62 9.55
CA MET B 83 13.95 3.55 8.39
C MET B 83 13.89 4.89 7.67
N ASN B 84 15.05 5.51 7.49
CA ASN B 84 15.15 6.81 6.84
C ASN B 84 16.29 6.78 5.83
N SER B 85 16.22 7.70 4.87
CA SER B 85 17.22 7.79 3.79
C SER B 85 17.39 6.44 3.11
N LEU B 86 16.27 5.85 2.71
CA LEU B 86 16.28 4.51 2.15
C LEU B 86 16.91 4.51 0.76
N ARG B 87 17.76 3.51 0.52
CA ARG B 87 18.31 3.25 -0.80
C ARG B 87 17.74 1.94 -1.33
N ALA B 88 17.95 1.70 -2.63
CA ALA B 88 17.55 0.43 -3.22
C ALA B 88 18.23 -0.74 -2.53
N GLU B 89 19.38 -0.50 -1.92
CA GLU B 89 20.10 -1.53 -1.19
C GLU B 89 19.27 -2.09 -0.05
N ASP B 90 18.34 -1.31 0.48
CA ASP B 90 17.52 -1.74 1.61
C ASP B 90 16.32 -2.57 1.19
N THR B 91 16.13 -2.79 -0.12
CA THR B 91 15.07 -3.67 -0.58
C THR B 91 15.33 -5.09 -0.09
N ALA B 92 14.44 -5.59 0.77
CA ALA B 92 14.60 -6.90 1.38
C ALA B 92 13.33 -7.22 2.16
N VAL B 93 13.23 -8.49 2.55
CA VAL B 93 12.27 -8.92 3.57
C VAL B 93 12.91 -8.69 4.92
N TYR B 94 12.21 -8.01 5.82
CA TYR B 94 12.74 -7.65 7.13
C TYR B 94 12.13 -8.56 8.19
N TYR B 95 12.99 -9.34 8.84
CA TYR B 95 12.58 -10.27 9.87
C TYR B 95 12.73 -9.65 11.26
N CYS B 96 11.85 -10.06 12.17
CA CYS B 96 11.97 -9.77 13.58
C CYS B 96 12.36 -11.05 14.31
N ALA B 97 13.27 -10.94 15.26
CA ALA B 97 13.81 -12.12 15.91
C ALA B 97 14.04 -11.86 17.40
N ARG B 98 13.68 -12.83 18.22
CA ARG B 98 13.91 -12.79 19.65
C ARG B 98 15.18 -13.56 19.97
N GLN B 99 16.11 -12.93 20.69
CA GLN B 99 17.24 -13.66 21.24
C GLN B 99 16.76 -14.47 22.44
N GLY B 100 17.00 -15.78 22.40
CA GLY B 100 16.53 -16.66 23.45
C GLY B 100 17.14 -16.33 24.80
N TYR B 101 16.64 -17.01 25.83
CA TYR B 101 17.17 -16.85 27.17
C TYR B 101 18.56 -17.46 27.26
N ARG B 102 19.44 -16.81 28.02
CA ARG B 102 20.84 -17.19 28.05
C ARG B 102 21.03 -18.62 28.55
N ARG B 103 20.26 -19.02 29.57
CA ARG B 103 20.42 -20.36 30.12
C ARG B 103 20.07 -21.49 29.16
N ARG B 104 19.00 -21.33 28.39
CA ARG B 104 18.50 -22.42 27.55
C ARG B 104 19.09 -22.39 26.14
N SER B 105 19.25 -21.21 25.54
CA SER B 105 19.72 -21.13 24.17
C SER B 105 20.91 -20.20 23.94
N GLY B 106 21.52 -19.67 25.00
CA GLY B 106 22.64 -18.75 24.81
C GLY B 106 22.18 -17.48 24.12
N ARG B 107 22.99 -17.03 23.16
CA ARG B 107 22.71 -15.81 22.41
C ARG B 107 22.08 -16.09 21.05
N GLY B 108 21.64 -17.32 20.80
CA GLY B 108 21.02 -17.63 19.54
C GLY B 108 19.65 -17.02 19.39
N PHE B 109 19.21 -16.89 18.13
CA PHE B 109 17.91 -16.31 17.81
C PHE B 109 16.93 -17.46 17.66
N ASP B 110 16.18 -17.76 18.71
CA ASP B 110 15.36 -18.96 18.78
C ASP B 110 13.96 -18.78 18.20
N TYR B 111 13.58 -17.58 17.81
CA TYR B 111 12.24 -17.35 17.27
C TYR B 111 12.30 -16.23 16.24
N TRP B 112 11.66 -16.45 15.10
CA TRP B 112 11.61 -15.49 14.02
C TRP B 112 10.17 -15.23 13.61
N GLY B 113 9.97 -14.13 12.91
CA GLY B 113 8.67 -13.81 12.34
C GLY B 113 8.61 -14.13 10.86
N GLN B 114 7.41 -13.95 10.30
CA GLN B 114 7.23 -14.24 8.88
C GLN B 114 7.94 -13.23 7.99
N GLY B 115 8.22 -12.04 8.49
CA GLY B 115 8.89 -11.02 7.71
C GLY B 115 7.92 -10.10 6.99
N THR B 116 8.40 -8.92 6.65
CA THR B 116 7.65 -7.94 5.88
C THR B 116 8.52 -7.47 4.71
N LEU B 117 7.87 -7.20 3.58
CA LEU B 117 8.58 -6.89 2.34
C LEU B 117 8.69 -5.38 2.19
N VAL B 118 9.93 -4.89 2.09
CA VAL B 118 10.21 -3.47 1.90
C VAL B 118 10.86 -3.31 0.52
N THR B 119 10.24 -2.51 -0.33
CA THR B 119 10.74 -2.26 -1.68
C THR B 119 11.07 -0.78 -1.82
N VAL B 120 12.33 -0.47 -2.10
CA VAL B 120 12.80 0.89 -2.28
C VAL B 120 13.13 1.08 -3.76
N SER B 121 12.27 1.81 -4.46
CA SER B 121 12.47 2.03 -5.89
C SER B 121 11.68 3.26 -6.32
N SER B 122 12.11 3.86 -7.43
CA SER B 122 11.42 5.00 -8.02
C SER B 122 10.35 4.59 -9.01
N ALA B 123 10.22 3.30 -9.30
CA ALA B 123 9.22 2.82 -10.25
C ALA B 123 7.83 2.86 -9.62
N SER B 124 6.85 3.24 -10.43
CA SER B 124 5.48 3.37 -9.94
C SER B 124 4.78 2.01 -9.93
N THR B 125 3.75 1.91 -9.11
CA THR B 125 2.97 0.69 -9.01
C THR B 125 2.22 0.44 -10.31
N LYS B 126 2.26 -0.80 -10.80
CA LYS B 126 1.60 -1.15 -12.05
C LYS B 126 1.09 -2.57 -11.96
N GLY B 127 -0.11 -2.79 -12.51
CA GLY B 127 -0.72 -4.10 -12.51
C GLY B 127 -0.36 -4.91 -13.73
N PRO B 128 -0.40 -6.23 -13.62
CA PRO B 128 0.04 -7.09 -14.72
C PRO B 128 -1.05 -7.37 -15.74
N SER B 129 -0.60 -7.58 -16.98
CA SER B 129 -1.44 -8.12 -18.04
C SER B 129 -1.28 -9.64 -18.06
N VAL B 130 -2.38 -10.35 -18.24
CA VAL B 130 -2.43 -11.80 -18.12
C VAL B 130 -2.83 -12.39 -19.46
N PHE B 131 -2.04 -13.35 -19.93
CA PHE B 131 -2.25 -14.04 -21.20
C PHE B 131 -2.11 -15.55 -20.99
N PRO B 132 -2.86 -16.34 -21.74
CA PRO B 132 -2.83 -17.79 -21.54
C PRO B 132 -1.67 -18.48 -22.24
N LEU B 133 -1.32 -19.65 -21.71
CA LEU B 133 -0.37 -20.56 -22.35
C LEU B 133 -1.21 -21.76 -22.79
N ALA B 134 -1.65 -21.73 -24.05
CA ALA B 134 -2.59 -22.72 -24.53
C ALA B 134 -1.99 -24.12 -24.45
N PRO B 135 -2.78 -25.14 -24.10
CA PRO B 135 -2.23 -26.48 -23.92
C PRO B 135 -1.81 -27.05 -25.27
N SER B 136 -0.74 -27.84 -25.23
CA SER B 136 -0.18 -28.43 -26.45
C SER B 136 -0.91 -29.72 -26.82
N SER B 137 -0.76 -30.74 -25.98
CA SER B 137 -1.43 -32.01 -26.23
C SER B 137 -2.93 -31.80 -26.27
N LYS B 138 -3.60 -32.51 -27.17
CA LYS B 138 -5.04 -32.35 -27.36
C LYS B 138 -5.79 -33.20 -26.34
N SER B 139 -7.11 -33.30 -26.50
CA SER B 139 -7.98 -33.91 -25.50
C SER B 139 -8.00 -35.43 -25.55
N THR B 140 -7.44 -36.05 -26.59
CA THR B 140 -7.51 -37.50 -26.73
C THR B 140 -6.18 -38.05 -27.23
N SER B 141 -5.07 -37.54 -26.69
CA SER B 141 -3.75 -38.05 -27.04
C SER B 141 -3.35 -39.27 -26.24
N GLY B 142 -3.82 -39.38 -24.99
CA GLY B 142 -3.43 -40.48 -24.13
C GLY B 142 -2.19 -40.23 -23.30
N GLY B 143 -1.70 -39.00 -23.25
CA GLY B 143 -0.50 -38.66 -22.50
C GLY B 143 -0.75 -37.47 -21.59
N THR B 144 0.25 -36.58 -21.54
CA THR B 144 0.23 -35.42 -20.66
C THR B 144 0.23 -34.15 -21.50
N ALA B 145 -0.43 -33.12 -20.98
CA ALA B 145 -0.49 -31.82 -21.63
C ALA B 145 0.00 -30.74 -20.66
N ALA B 146 0.60 -29.70 -21.23
CA ALA B 146 1.13 -28.59 -20.44
C ALA B 146 0.39 -27.31 -20.80
N LEU B 147 -0.16 -26.64 -19.80
CA LEU B 147 -0.87 -25.38 -19.98
C LEU B 147 -0.41 -24.40 -18.90
N GLY B 148 -0.77 -23.14 -19.07
CA GLY B 148 -0.40 -22.15 -18.08
C GLY B 148 -0.89 -20.77 -18.41
N CYS B 149 -0.33 -19.79 -17.71
CA CYS B 149 -0.67 -18.39 -17.88
C CYS B 149 0.61 -17.56 -17.83
N LEU B 150 0.62 -16.47 -18.60
CA LEU B 150 1.71 -15.50 -18.60
C LEU B 150 1.15 -14.17 -18.11
N VAL B 151 1.57 -13.76 -16.92
CA VAL B 151 1.27 -12.41 -16.42
C VAL B 151 2.56 -11.60 -16.52
N LYS B 152 2.44 -10.38 -17.03
CA LYS B 152 3.59 -9.67 -17.56
C LYS B 152 3.51 -8.19 -17.22
N ASP B 153 4.67 -7.57 -17.02
CA ASP B 153 4.80 -6.15 -16.75
C ASP B 153 4.02 -5.74 -15.51
N TYR B 154 4.54 -6.05 -14.34
CA TYR B 154 3.96 -5.62 -13.08
C TYR B 154 5.07 -5.18 -12.14
N PHE B 155 4.71 -4.26 -11.23
CA PHE B 155 5.64 -3.78 -10.22
C PHE B 155 4.82 -3.21 -9.08
N PRO B 156 5.20 -3.47 -7.82
CA PRO B 156 6.34 -4.27 -7.37
C PRO B 156 5.95 -5.72 -7.11
N GLU B 157 6.87 -6.49 -6.53
CA GLU B 157 6.51 -7.82 -6.05
C GLU B 157 5.65 -7.70 -4.80
N PRO B 158 4.84 -8.72 -4.50
CA PRO B 158 4.66 -9.99 -5.21
C PRO B 158 3.30 -10.16 -5.88
N VAL B 159 3.16 -11.24 -6.64
CA VAL B 159 1.88 -11.73 -7.10
C VAL B 159 1.70 -13.14 -6.52
N THR B 160 0.45 -13.62 -6.57
CA THR B 160 0.15 -15.00 -6.23
C THR B 160 -0.72 -15.59 -7.33
N VAL B 161 -0.30 -16.72 -7.88
CA VAL B 161 -1.00 -17.39 -8.97
C VAL B 161 -1.47 -18.76 -8.46
N SER B 162 -2.77 -18.99 -8.52
CA SER B 162 -3.36 -20.27 -8.16
C SER B 162 -4.09 -20.85 -9.37
N TRP B 163 -4.45 -22.12 -9.26
CA TRP B 163 -5.14 -22.83 -10.34
C TRP B 163 -6.37 -23.52 -9.76
N ASN B 164 -7.51 -23.34 -10.42
CA ASN B 164 -8.79 -23.90 -9.98
C ASN B 164 -9.11 -23.50 -8.54
N SER B 165 -8.70 -22.28 -8.17
CA SER B 165 -8.90 -21.77 -6.82
C SER B 165 -8.27 -22.70 -5.79
N GLY B 166 -6.99 -23.00 -5.97
CA GLY B 166 -6.26 -23.84 -5.06
C GLY B 166 -6.59 -25.32 -5.11
N ALA B 167 -7.56 -25.73 -5.94
CA ALA B 167 -7.92 -27.14 -6.00
C ALA B 167 -6.89 -27.96 -6.76
N LEU B 168 -6.15 -27.33 -7.67
CA LEU B 168 -5.15 -28.01 -8.49
C LEU B 168 -3.77 -27.56 -8.02
N THR B 169 -3.07 -28.45 -7.32
CA THR B 169 -1.71 -28.19 -6.88
C THR B 169 -0.70 -29.21 -7.39
N SER B 170 -1.14 -30.39 -7.80
CA SER B 170 -0.23 -31.41 -8.31
C SER B 170 0.29 -31.01 -9.70
N GLY B 171 1.61 -30.90 -9.82
CA GLY B 171 2.22 -30.62 -11.11
C GLY B 171 2.27 -29.15 -11.49
N VAL B 172 1.87 -28.24 -10.61
CA VAL B 172 1.89 -26.83 -10.95
C VAL B 172 3.30 -26.28 -10.74
N HIS B 173 3.65 -25.28 -11.56
CA HIS B 173 4.96 -24.63 -11.50
C HIS B 173 4.77 -23.15 -11.77
N THR B 174 4.88 -22.34 -10.72
CA THR B 174 4.87 -20.88 -10.86
C THR B 174 6.32 -20.40 -10.77
N PHE B 175 6.87 -19.96 -11.89
CA PHE B 175 8.28 -19.64 -11.97
C PHE B 175 8.58 -18.33 -11.24
N PRO B 176 9.77 -18.21 -10.66
CA PRO B 176 10.15 -16.93 -10.06
C PRO B 176 10.12 -15.80 -11.07
N ALA B 177 9.83 -14.59 -10.57
CA ALA B 177 9.70 -13.43 -11.44
C ALA B 177 11.06 -12.95 -11.92
N VAL B 178 11.15 -12.63 -13.21
CA VAL B 178 12.35 -12.05 -13.79
C VAL B 178 12.11 -10.58 -14.04
N LEU B 179 13.20 -9.81 -14.05
CA LEU B 179 13.14 -8.37 -14.26
C LEU B 179 13.48 -8.07 -15.72
N GLN B 180 12.49 -7.64 -16.48
CA GLN B 180 12.73 -7.26 -17.87
C GLN B 180 13.50 -5.95 -17.94
N SER B 181 14.01 -5.65 -19.13
CA SER B 181 14.75 -4.41 -19.34
C SER B 181 13.87 -3.19 -19.18
N SER B 182 12.54 -3.35 -19.25
CA SER B 182 11.62 -2.24 -19.05
C SER B 182 11.48 -1.84 -17.57
N GLY B 183 12.02 -2.64 -16.66
CA GLY B 183 11.93 -2.35 -15.24
C GLY B 183 10.75 -2.97 -14.52
N LEU B 184 9.90 -3.71 -15.23
CA LEU B 184 8.75 -4.37 -14.64
C LEU B 184 9.00 -5.88 -14.58
N TYR B 185 8.33 -6.52 -13.63
CA TYR B 185 8.48 -7.95 -13.41
C TYR B 185 7.56 -8.75 -14.31
N SER B 186 7.90 -10.02 -14.51
CA SER B 186 7.10 -10.93 -15.31
C SER B 186 7.46 -12.36 -14.95
N LEU B 187 6.45 -13.22 -14.86
CA LEU B 187 6.65 -14.62 -14.54
C LEU B 187 5.61 -15.44 -15.29
N SER B 188 5.75 -16.77 -15.20
CA SER B 188 4.80 -17.68 -15.79
C SER B 188 4.46 -18.77 -14.79
N SER B 189 3.24 -19.28 -14.87
CA SER B 189 2.79 -20.41 -14.08
C SER B 189 2.26 -21.48 -15.03
N VAL B 190 2.73 -22.72 -14.86
CA VAL B 190 2.35 -23.82 -15.73
C VAL B 190 1.90 -25.00 -14.87
N VAL B 191 1.36 -26.01 -15.55
CA VAL B 191 0.93 -27.24 -14.89
C VAL B 191 0.80 -28.32 -15.97
N THR B 192 1.19 -29.54 -15.61
CA THR B 192 1.02 -30.70 -16.47
C THR B 192 -0.23 -31.46 -16.04
N VAL B 193 -1.11 -31.74 -16.99
CA VAL B 193 -2.37 -32.42 -16.71
C VAL B 193 -2.50 -33.62 -17.64
N PRO B 194 -3.20 -34.69 -17.24
CA PRO B 194 -3.48 -35.77 -18.18
C PRO B 194 -4.34 -35.28 -19.33
N SER B 195 -4.09 -35.84 -20.52
CA SER B 195 -4.86 -35.44 -21.69
C SER B 195 -6.32 -35.88 -21.59
N SER B 196 -6.63 -36.87 -20.76
CA SER B 196 -7.99 -37.36 -20.62
C SER B 196 -8.89 -36.38 -19.86
N SER B 197 -8.33 -35.36 -19.24
CA SER B 197 -9.11 -34.38 -18.49
C SER B 197 -9.42 -33.13 -19.30
N LEU B 198 -8.79 -32.94 -20.45
CA LEU B 198 -9.06 -31.78 -21.28
C LEU B 198 -10.46 -31.89 -21.88
N GLY B 199 -11.25 -30.83 -21.73
CA GLY B 199 -12.62 -30.80 -22.20
C GLY B 199 -13.64 -31.09 -21.12
N THR B 200 -13.27 -31.89 -20.11
CA THR B 200 -14.15 -32.18 -18.98
C THR B 200 -13.73 -31.47 -17.71
N GLN B 201 -12.44 -31.19 -17.54
CA GLN B 201 -11.94 -30.45 -16.39
C GLN B 201 -11.76 -28.99 -16.76
N THR B 202 -12.13 -28.10 -15.84
CA THR B 202 -12.04 -26.65 -16.05
C THR B 202 -10.76 -26.14 -15.40
N TYR B 203 -9.98 -25.37 -16.15
CA TYR B 203 -8.70 -24.86 -15.70
C TYR B 203 -8.70 -23.34 -15.75
N ILE B 204 -8.51 -22.71 -14.60
CA ILE B 204 -8.51 -21.26 -14.48
C ILE B 204 -7.31 -20.85 -13.63
N CYS B 205 -6.54 -19.88 -14.11
CA CYS B 205 -5.44 -19.32 -13.35
C CYS B 205 -5.90 -18.05 -12.65
N ASN B 206 -5.71 -17.98 -11.34
CA ASN B 206 -6.13 -16.86 -10.53
C ASN B 206 -4.89 -16.10 -10.08
N VAL B 207 -4.67 -14.92 -10.66
CA VAL B 207 -3.51 -14.10 -10.38
C VAL B 207 -3.93 -12.94 -9.49
N ASN B 208 -3.17 -12.70 -8.42
CA ASN B 208 -3.47 -11.70 -7.41
C ASN B 208 -2.27 -10.78 -7.25
N HIS B 209 -2.48 -9.49 -7.50
CA HIS B 209 -1.44 -8.47 -7.31
C HIS B 209 -1.99 -7.43 -6.34
N LYS B 210 -1.79 -7.68 -5.04
CA LYS B 210 -2.28 -6.77 -4.02
C LYS B 210 -1.69 -5.36 -4.10
N PRO B 211 -0.39 -5.16 -4.35
CA PRO B 211 0.14 -3.78 -4.34
C PRO B 211 -0.58 -2.81 -5.26
N SER B 212 -1.25 -3.30 -6.30
CA SER B 212 -1.98 -2.44 -7.24
C SER B 212 -3.48 -2.68 -7.21
N ASN B 213 -3.96 -3.54 -6.31
CA ASN B 213 -5.38 -3.87 -6.20
C ASN B 213 -5.92 -4.41 -7.53
N THR B 214 -5.16 -5.33 -8.12
CA THR B 214 -5.51 -5.93 -9.41
C THR B 214 -5.85 -7.39 -9.21
N LYS B 215 -7.02 -7.80 -9.71
CA LYS B 215 -7.50 -9.17 -9.61
C LYS B 215 -7.94 -9.64 -10.98
N VAL B 216 -7.33 -10.73 -11.47
CA VAL B 216 -7.66 -11.29 -12.77
C VAL B 216 -7.77 -12.80 -12.66
N ASP B 217 -8.76 -13.37 -13.34
CA ASP B 217 -8.86 -14.82 -13.56
C ASP B 217 -8.94 -15.04 -15.06
N LYS B 218 -8.02 -15.84 -15.60
CA LYS B 218 -7.96 -16.12 -17.02
C LYS B 218 -8.20 -17.60 -17.26
N LYS B 219 -9.04 -17.91 -18.25
CA LYS B 219 -9.44 -19.28 -18.56
C LYS B 219 -8.44 -19.92 -19.51
N VAL B 220 -8.14 -21.19 -19.26
CA VAL B 220 -7.22 -21.97 -20.09
C VAL B 220 -7.93 -23.25 -20.52
N GLU B 221 -8.20 -23.36 -21.81
CA GLU B 221 -8.79 -24.55 -22.42
C GLU B 221 -8.15 -24.76 -23.78
N PRO B 222 -8.32 -25.93 -24.40
CA PRO B 222 -7.70 -26.16 -25.73
C PRO B 222 -8.07 -25.07 -26.73
N LYS B 223 -7.04 -24.47 -27.32
CA LYS B 223 -7.21 -23.37 -28.27
C LYS B 223 -7.95 -23.83 -29.53
N GLU D 1 1.65 12.83 25.45
CA GLU D 1 0.57 12.56 26.42
C GLU D 1 -0.34 11.45 25.91
N VAL D 2 -1.64 11.62 26.10
CA VAL D 2 -2.62 10.65 25.62
C VAL D 2 -2.65 10.69 24.11
N GLN D 3 -2.54 9.53 23.47
CA GLN D 3 -2.43 9.45 22.02
C GLN D 3 -3.05 8.16 21.51
N LEU D 4 -3.74 8.28 20.37
CA LEU D 4 -4.30 7.12 19.67
C LEU D 4 -3.84 7.19 18.22
N VAL D 5 -3.17 6.14 17.75
CA VAL D 5 -2.66 6.08 16.39
C VAL D 5 -3.28 4.88 15.69
N GLU D 6 -3.97 5.14 14.58
CA GLU D 6 -4.62 4.10 13.80
C GLU D 6 -3.77 3.74 12.59
N SER D 7 -3.85 2.47 12.18
CA SER D 7 -3.10 1.99 11.04
C SER D 7 -3.79 0.76 10.48
N GLY D 8 -3.38 0.36 9.28
CA GLY D 8 -3.96 -0.77 8.59
C GLY D 8 -4.83 -0.40 7.42
N GLY D 9 -5.17 0.87 7.26
CA GLY D 9 -5.99 1.29 6.14
C GLY D 9 -5.27 1.13 4.81
N GLY D 10 -6.07 1.06 3.75
CA GLY D 10 -5.52 0.88 2.43
C GLY D 10 -6.63 0.64 1.41
N LEU D 11 -6.23 0.14 0.25
CA LEU D 11 -7.15 -0.15 -0.85
C LEU D 11 -7.37 -1.65 -0.95
N VAL D 12 -8.64 -2.07 -0.98
CA VAL D 12 -8.99 -3.48 -1.08
C VAL D 12 -10.20 -3.62 -2.00
N GLN D 13 -10.35 -4.82 -2.57
CA GLN D 13 -11.45 -5.14 -3.44
C GLN D 13 -12.74 -5.34 -2.65
N PRO D 14 -13.90 -5.17 -3.28
CA PRO D 14 -15.16 -5.53 -2.62
C PRO D 14 -15.17 -7.00 -2.24
N GLY D 15 -15.54 -7.27 -1.00
CA GLY D 15 -15.47 -8.61 -0.45
C GLY D 15 -14.19 -8.96 0.25
N GLY D 16 -13.16 -8.13 0.13
CA GLY D 16 -11.88 -8.39 0.75
C GLY D 16 -11.93 -8.19 2.26
N SER D 17 -10.75 -8.27 2.87
CA SER D 17 -10.61 -8.18 4.31
C SER D 17 -9.49 -7.21 4.67
N LEU D 18 -9.66 -6.55 5.83
CA LEU D 18 -8.67 -5.63 6.35
C LEU D 18 -8.73 -5.66 7.88
N ARG D 19 -7.58 -5.49 8.51
CA ARG D 19 -7.49 -5.45 9.97
C ARG D 19 -6.88 -4.12 10.38
N LEU D 20 -7.71 -3.24 10.95
CA LEU D 20 -7.25 -1.96 11.44
C LEU D 20 -6.77 -2.10 12.88
N SER D 21 -5.75 -1.31 13.23
CA SER D 21 -5.19 -1.30 14.57
C SER D 21 -5.28 0.10 15.16
N CYS D 22 -5.31 0.16 16.49
CA CYS D 22 -5.34 1.42 17.22
C CYS D 22 -4.38 1.31 18.40
N ALA D 23 -3.25 2.00 18.32
CA ALA D 23 -2.24 1.95 19.36
C ALA D 23 -2.44 3.11 20.32
N ALA D 24 -2.70 2.79 21.58
CA ALA D 24 -2.94 3.80 22.61
C ALA D 24 -1.65 4.15 23.33
N SER D 25 -1.50 5.43 23.67
CA SER D 25 -0.35 5.91 24.42
C SER D 25 -0.83 6.88 25.49
N GLY D 26 -0.07 6.94 26.59
CA GLY D 26 -0.41 7.80 27.70
C GLY D 26 -1.46 7.26 28.65
N PHE D 27 -2.06 6.12 28.33
CA PHE D 27 -3.06 5.50 29.19
C PHE D 27 -3.15 4.03 28.83
N TYR D 28 -3.90 3.28 29.64
CA TYR D 28 -4.06 1.85 29.45
C TYR D 28 -5.52 1.56 29.09
N ILE D 29 -5.73 0.90 27.95
CA ILE D 29 -7.08 0.65 27.45
C ILE D 29 -7.87 -0.33 28.31
N SER D 30 -7.21 -1.03 29.24
CA SER D 30 -7.91 -2.00 30.08
C SER D 30 -8.89 -1.32 31.03
N TYR D 31 -8.77 -0.01 31.23
CA TYR D 31 -9.64 0.73 32.13
C TYR D 31 -10.61 1.65 31.39
N SER D 32 -10.75 1.48 30.08
CA SER D 32 -11.59 2.37 29.28
C SER D 32 -12.31 1.56 28.20
N SER D 33 -13.37 2.16 27.67
CA SER D 33 -14.04 1.64 26.49
C SER D 33 -13.41 2.28 25.25
N ILE D 34 -13.18 1.46 24.23
CA ILE D 34 -12.62 1.92 22.96
C ILE D 34 -13.69 1.79 21.90
N HIS D 35 -13.85 2.85 21.10
CA HIS D 35 -14.85 2.90 20.04
C HIS D 35 -14.16 3.09 18.69
N TRP D 36 -14.79 2.56 17.65
CA TRP D 36 -14.40 2.82 16.28
C TRP D 36 -15.48 3.66 15.62
N VAL D 37 -15.07 4.75 15.00
CA VAL D 37 -15.96 5.65 14.29
C VAL D 37 -15.37 5.90 12.90
N ARG D 38 -16.22 5.82 11.87
CA ARG D 38 -15.78 6.05 10.50
C ARG D 38 -16.49 7.25 9.92
N GLN D 39 -15.88 7.84 8.89
CA GLN D 39 -16.39 9.05 8.27
C GLN D 39 -16.04 9.01 6.78
N ALA D 40 -17.05 8.70 5.96
CA ALA D 40 -16.87 8.73 4.52
C ALA D 40 -16.51 10.14 4.07
N PRO D 41 -15.80 10.27 2.94
CA PRO D 41 -15.37 11.62 2.50
C PRO D 41 -16.56 12.52 2.23
N GLY D 42 -16.59 13.66 2.91
CA GLY D 42 -17.64 14.64 2.74
C GLY D 42 -18.90 14.39 3.53
N LYS D 43 -18.97 13.30 4.29
CA LYS D 43 -20.15 12.97 5.08
C LYS D 43 -19.84 13.09 6.57
N GLY D 44 -20.76 12.60 7.40
CA GLY D 44 -20.65 12.75 8.83
C GLY D 44 -20.07 11.54 9.53
N LEU D 45 -19.84 11.70 10.82
CA LEU D 45 -19.34 10.61 11.65
C LEU D 45 -20.38 9.51 11.77
N GLU D 46 -19.92 8.26 11.79
CA GLU D 46 -20.81 7.11 11.94
C GLU D 46 -20.16 6.15 12.92
N TRP D 47 -20.81 5.91 14.05
CA TRP D 47 -20.31 4.96 15.03
C TRP D 47 -20.34 3.55 14.45
N VAL D 48 -19.26 2.81 14.65
CA VAL D 48 -19.07 1.49 14.04
C VAL D 48 -19.17 0.37 15.08
N ALA D 49 -18.31 0.40 16.09
CA ALA D 49 -18.28 -0.66 17.10
C ALA D 49 -17.62 -0.11 18.36
N SER D 50 -17.73 -0.89 19.44
CA SER D 50 -17.11 -0.53 20.70
C SER D 50 -16.85 -1.80 21.51
N ILE D 51 -15.89 -1.70 22.43
CA ILE D 51 -15.57 -2.76 23.37
C ILE D 51 -15.52 -2.17 24.78
N SER D 52 -15.94 -2.96 25.76
CA SER D 52 -16.06 -2.50 27.14
C SER D 52 -14.96 -3.08 28.02
N PRO D 53 -14.55 -2.36 29.06
CA PRO D 53 -13.48 -2.86 29.92
C PRO D 53 -13.99 -3.90 30.90
N TYR D 54 -13.05 -4.69 31.43
CA TYR D 54 -13.28 -5.68 32.47
C TYR D 54 -14.13 -6.86 31.99
N SER D 55 -15.09 -6.61 31.09
CA SER D 55 -15.93 -7.66 30.55
C SER D 55 -15.60 -8.02 29.11
N GLY D 56 -15.01 -7.11 28.34
CA GLY D 56 -14.71 -7.36 26.94
C GLY D 56 -15.91 -7.41 26.04
N SER D 57 -17.10 -7.03 26.52
CA SER D 57 -18.30 -7.08 25.71
C SER D 57 -18.20 -6.13 24.53
N THR D 58 -18.74 -6.56 23.39
CA THR D 58 -18.64 -5.81 22.15
C THR D 58 -20.03 -5.43 21.65
N TYR D 59 -20.08 -4.37 20.87
CA TYR D 59 -21.31 -3.87 20.28
C TYR D 59 -21.02 -3.36 18.88
N TYR D 60 -22.02 -3.44 18.01
CA TYR D 60 -21.81 -3.16 16.60
C TYR D 60 -22.99 -2.39 16.04
N ALA D 61 -22.71 -1.58 15.02
CA ALA D 61 -23.77 -0.97 14.24
C ALA D 61 -24.44 -2.01 13.35
N ASP D 62 -25.67 -1.73 12.95
CA ASP D 62 -26.42 -2.68 12.14
C ASP D 62 -25.80 -2.85 10.76
N SER D 63 -25.15 -1.80 10.23
CA SER D 63 -24.53 -1.89 8.92
C SER D 63 -23.25 -2.71 8.92
N VAL D 64 -22.69 -3.01 10.08
CA VAL D 64 -21.46 -3.78 10.17
C VAL D 64 -21.61 -5.05 11.00
N LYS D 65 -22.77 -5.28 11.61
CA LYS D 65 -22.97 -6.47 12.42
C LYS D 65 -22.81 -7.73 11.58
N GLY D 66 -22.08 -8.71 12.13
CA GLY D 66 -21.82 -9.94 11.44
C GLY D 66 -20.64 -9.92 10.50
N ARG D 67 -20.21 -8.73 10.04
CA ARG D 67 -19.07 -8.61 9.15
C ARG D 67 -17.80 -8.12 9.85
N PHE D 68 -17.95 -7.37 10.94
CA PHE D 68 -16.82 -6.77 11.64
C PHE D 68 -16.61 -7.46 12.98
N THR D 69 -15.38 -7.35 13.50
CA THR D 69 -15.06 -7.82 14.84
C THR D 69 -14.13 -6.81 15.50
N ILE D 70 -14.57 -6.25 16.62
CA ILE D 70 -13.72 -5.39 17.43
C ILE D 70 -13.19 -6.21 18.59
N SER D 71 -11.96 -5.91 19.00
CA SER D 71 -11.33 -6.61 20.11
C SER D 71 -10.16 -5.76 20.61
N ALA D 72 -9.60 -6.18 21.75
CA ALA D 72 -8.49 -5.48 22.36
C ALA D 72 -7.49 -6.49 22.90
N ASP D 73 -6.22 -6.07 22.91
CA ASP D 73 -5.14 -6.83 23.54
C ASP D 73 -4.48 -5.89 24.55
N THR D 74 -4.80 -6.09 25.83
CA THR D 74 -4.30 -5.19 26.86
C THR D 74 -2.78 -5.27 27.01
N SER D 75 -2.21 -6.47 26.84
CA SER D 75 -0.76 -6.60 26.91
C SER D 75 -0.06 -5.81 25.82
N LYS D 76 -0.74 -5.53 24.70
CA LYS D 76 -0.20 -4.70 23.64
C LYS D 76 -0.78 -3.29 23.67
N ASN D 77 -1.70 -3.01 24.59
CA ASN D 77 -2.33 -1.68 24.73
C ASN D 77 -2.88 -1.19 23.39
N THR D 78 -3.42 -2.12 22.62
CA THR D 78 -3.84 -1.85 21.24
C THR D 78 -5.20 -2.48 21.00
N ALA D 79 -6.07 -1.74 20.33
CA ALA D 79 -7.37 -2.23 19.90
C ALA D 79 -7.34 -2.57 18.41
N TYR D 80 -8.29 -3.41 17.99
CA TYR D 80 -8.32 -3.91 16.63
C TYR D 80 -9.74 -3.90 16.10
N LEU D 81 -9.86 -3.73 14.78
CA LEU D 81 -11.13 -3.84 14.08
C LEU D 81 -10.91 -4.72 12.84
N GLN D 82 -11.31 -5.98 12.94
CA GLN D 82 -11.25 -6.89 11.81
C GLN D 82 -12.44 -6.64 10.90
N MET D 83 -12.18 -6.37 9.62
CA MET D 83 -13.23 -6.06 8.66
C MET D 83 -13.26 -7.13 7.58
N ASN D 84 -14.44 -7.70 7.35
CA ASN D 84 -14.64 -8.74 6.36
C ASN D 84 -15.86 -8.40 5.51
N SER D 85 -15.92 -9.02 4.32
CA SER D 85 -17.00 -8.78 3.36
C SER D 85 -17.18 -7.29 3.11
N LEU D 86 -16.09 -6.61 2.81
CA LEU D 86 -16.11 -5.17 2.65
C LEU D 86 -16.87 -4.77 1.38
N ARG D 87 -17.73 -3.77 1.53
CA ARG D 87 -18.47 -3.20 0.42
C ARG D 87 -18.02 -1.75 0.21
N ALA D 88 -18.51 -1.15 -0.88
CA ALA D 88 -18.16 0.23 -1.17
C ALA D 88 -18.66 1.17 -0.08
N GLU D 89 -19.73 0.77 0.63
CA GLU D 89 -20.24 1.58 1.73
C GLU D 89 -19.17 1.84 2.79
N ASP D 90 -18.26 0.89 2.99
CA ASP D 90 -17.27 0.97 4.06
C ASP D 90 -16.12 1.90 3.73
N THR D 91 -16.09 2.49 2.53
CA THR D 91 -15.05 3.46 2.21
C THR D 91 -15.20 4.68 3.11
N ALA D 92 -14.20 4.91 3.95
CA ALA D 92 -14.26 5.97 4.94
C ALA D 92 -12.91 6.08 5.63
N VAL D 93 -12.69 7.22 6.29
CA VAL D 93 -11.62 7.35 7.25
C VAL D 93 -12.10 6.74 8.57
N TYR D 94 -11.31 5.84 9.14
CA TYR D 94 -11.70 5.12 10.33
C TYR D 94 -10.96 5.70 11.53
N TYR D 95 -11.71 6.27 12.46
CA TYR D 95 -11.17 6.88 13.67
C TYR D 95 -11.24 5.89 14.82
N CYS D 96 -10.28 6.03 15.74
CA CYS D 96 -10.28 5.32 17.01
C CYS D 96 -10.44 6.34 18.12
N ALA D 97 -11.39 6.12 19.01
CA ALA D 97 -11.73 7.08 20.05
C ALA D 97 -11.85 6.39 21.40
N ARG D 98 -11.27 7.01 22.41
CA ARG D 98 -11.40 6.54 23.78
C ARG D 98 -12.60 7.19 24.45
N GLN D 99 -13.46 6.36 25.04
CA GLN D 99 -14.52 6.87 25.89
C GLN D 99 -13.93 7.30 27.23
N GLY D 100 -14.06 8.58 27.54
CA GLY D 100 -13.43 9.12 28.74
C GLY D 100 -13.94 8.47 30.01
N TYR D 101 -13.23 8.75 31.10
CA TYR D 101 -13.61 8.22 32.40
C TYR D 101 -14.99 8.73 32.78
N ARG D 102 -15.89 7.80 33.10
CA ARG D 102 -17.31 8.11 33.24
C ARG D 102 -17.45 9.13 34.37
N ARG D 103 -16.52 9.10 35.33
CA ARG D 103 -16.61 9.98 36.49
C ARG D 103 -15.86 11.29 36.30
N ARG D 104 -15.35 11.55 35.10
CA ARG D 104 -14.73 12.83 34.78
C ARG D 104 -15.22 13.54 33.52
N SER D 105 -15.85 12.82 32.59
CA SER D 105 -16.33 13.42 31.35
C SER D 105 -17.47 12.61 30.74
N GLY D 106 -18.22 11.91 31.59
CA GLY D 106 -19.34 11.11 31.11
C GLY D 106 -18.90 10.03 30.14
N ARG D 107 -19.86 9.53 29.37
CA ARG D 107 -19.59 8.58 28.31
C ARG D 107 -19.14 9.25 27.01
N GLY D 108 -18.67 10.49 27.08
CA GLY D 108 -18.21 11.17 25.89
C GLY D 108 -16.84 10.71 25.45
N PHE D 109 -16.58 10.80 24.15
CA PHE D 109 -15.32 10.35 23.56
C PHE D 109 -14.36 11.54 23.60
N ASP D 110 -13.49 11.56 24.61
CA ASP D 110 -12.68 12.74 24.87
C ASP D 110 -11.36 12.78 24.09
N TYR D 111 -10.94 11.67 23.49
CA TYR D 111 -9.71 11.64 22.71
C TYR D 111 -9.95 10.89 21.41
N TRP D 112 -9.44 11.45 20.31
CA TRP D 112 -9.61 10.89 18.98
C TRP D 112 -8.28 10.85 18.25
N GLY D 113 -8.04 9.77 17.53
CA GLY D 113 -6.86 9.68 16.68
C GLY D 113 -7.07 10.40 15.36
N GLN D 114 -5.99 10.44 14.57
CA GLN D 114 -6.04 11.14 13.29
C GLN D 114 -6.75 10.36 12.20
N GLY D 115 -6.94 9.05 12.38
CA GLY D 115 -7.68 8.25 11.44
C GLY D 115 -6.81 7.63 10.36
N THR D 116 -7.32 6.53 9.79
CA THR D 116 -6.66 5.85 8.69
C THR D 116 -7.67 5.60 7.58
N LEU D 117 -7.30 5.92 6.34
CA LEU D 117 -8.23 5.87 5.23
C LEU D 117 -8.39 4.45 4.71
N VAL D 118 -9.64 4.06 4.47
CA VAL D 118 -9.98 2.75 3.94
C VAL D 118 -10.80 2.96 2.68
N THR D 119 -10.35 2.40 1.57
CA THR D 119 -11.01 2.54 0.26
C THR D 119 -11.36 1.16 -0.26
N VAL D 120 -12.65 0.94 -0.51
CA VAL D 120 -13.14 -0.33 -1.04
C VAL D 120 -13.59 -0.07 -2.48
N SER D 121 -12.87 -0.66 -3.43
CA SER D 121 -13.17 -0.48 -4.84
C SER D 121 -12.50 -1.58 -5.65
N SER D 122 -13.08 -1.89 -6.79
CA SER D 122 -12.48 -2.83 -7.74
C SER D 122 -11.47 -2.17 -8.66
N ALA D 123 -11.40 -0.83 -8.66
CA ALA D 123 -10.47 -0.13 -9.53
C ALA D 123 -9.04 -0.28 -9.02
N SER D 124 -8.10 -0.36 -9.96
CA SER D 124 -6.70 -0.55 -9.64
C SER D 124 -6.02 0.79 -9.36
N THR D 125 -4.89 0.72 -8.66
CA THR D 125 -4.10 1.91 -8.41
C THR D 125 -3.51 2.44 -9.71
N LYS D 126 -3.49 3.76 -9.85
CA LYS D 126 -2.96 4.40 -11.04
C LYS D 126 -2.42 5.76 -10.68
N GLY D 127 -1.22 6.07 -11.18
CA GLY D 127 -0.59 7.34 -10.92
C GLY D 127 -1.16 8.45 -11.80
N PRO D 128 -1.05 9.69 -11.33
CA PRO D 128 -1.63 10.82 -12.06
C PRO D 128 -0.70 11.37 -13.14
N SER D 129 -1.32 11.94 -14.15
CA SER D 129 -0.62 12.73 -15.17
C SER D 129 -0.72 14.20 -14.79
N VAL D 130 0.42 14.88 -14.78
CA VAL D 130 0.51 16.26 -14.31
C VAL D 130 0.76 17.16 -15.52
N PHE D 131 -0.18 18.06 -15.78
CA PHE D 131 -0.13 19.03 -16.86
C PHE D 131 -0.10 20.45 -16.30
N PRO D 132 0.56 21.39 -16.97
CA PRO D 132 0.58 22.77 -16.51
C PRO D 132 -0.60 23.60 -17.00
N LEU D 133 -0.95 24.59 -16.19
CA LEU D 133 -1.94 25.60 -16.57
C LEU D 133 -1.18 26.92 -16.66
N ALA D 134 -0.85 27.30 -17.90
CA ALA D 134 0.07 28.40 -18.11
C ALA D 134 -0.50 29.71 -17.56
N PRO D 135 0.34 30.57 -16.98
CA PRO D 135 -0.16 31.83 -16.42
C PRO D 135 -0.73 32.74 -17.49
N SER D 136 -1.63 33.63 -17.05
CA SER D 136 -2.34 34.54 -17.94
C SER D 136 -1.68 35.92 -18.00
N SER D 137 -1.54 36.56 -16.85
CA SER D 137 -0.96 37.90 -16.81
C SER D 137 0.52 37.86 -17.12
N LYS D 138 1.00 38.88 -17.83
CA LYS D 138 2.42 39.00 -18.15
C LYS D 138 3.19 39.48 -16.92
N SER D 139 4.49 39.65 -17.08
CA SER D 139 5.36 39.97 -15.95
C SER D 139 5.48 41.46 -15.66
N THR D 140 5.02 42.32 -16.55
CA THR D 140 5.07 43.77 -16.34
C THR D 140 3.70 44.39 -16.51
N SER D 141 2.66 43.71 -16.00
CA SER D 141 1.30 44.22 -16.09
C SER D 141 0.95 45.12 -14.91
N GLY D 142 1.44 44.79 -13.72
CA GLY D 142 1.15 45.55 -12.53
C GLY D 142 0.02 45.03 -11.67
N GLY D 143 -0.37 43.76 -11.83
CA GLY D 143 -1.46 43.20 -11.05
C GLY D 143 -1.16 41.82 -10.51
N THR D 144 -2.10 40.90 -10.70
CA THR D 144 -1.97 39.53 -10.21
C THR D 144 -2.07 38.56 -11.38
N ALA D 145 -1.31 37.46 -11.27
CA ALA D 145 -1.31 36.41 -12.28
C ALA D 145 -1.73 35.09 -11.64
N ALA D 146 -2.38 34.25 -12.43
CA ALA D 146 -2.90 32.97 -11.97
C ALA D 146 -2.25 31.84 -12.76
N LEU D 147 -1.65 30.90 -12.04
CA LEU D 147 -1.02 29.72 -12.63
C LEU D 147 -1.36 28.51 -11.77
N GLY D 148 -0.98 27.34 -12.24
CA GLY D 148 -1.23 26.13 -11.48
C GLY D 148 -0.91 24.88 -12.27
N CYS D 149 -1.21 23.75 -11.63
CA CYS D 149 -1.01 22.42 -12.20
C CYS D 149 -2.34 21.69 -12.30
N LEU D 150 -2.38 20.70 -13.18
CA LEU D 150 -3.56 19.87 -13.41
C LEU D 150 -3.17 18.43 -13.15
N VAL D 151 -3.80 17.81 -12.15
CA VAL D 151 -3.49 16.47 -11.71
C VAL D 151 -4.68 15.59 -12.10
N LYS D 152 -4.51 14.78 -13.15
CA LYS D 152 -5.60 14.06 -13.78
C LYS D 152 -5.37 12.56 -13.78
N ASP D 153 -6.47 11.82 -13.71
CA ASP D 153 -6.51 10.37 -13.94
C ASP D 153 -5.60 9.63 -12.96
N TYR D 154 -6.03 9.63 -11.70
CA TYR D 154 -5.34 8.89 -10.65
C TYR D 154 -6.35 8.16 -9.79
N PHE D 155 -5.89 7.10 -9.13
CA PHE D 155 -6.71 6.33 -8.21
C PHE D 155 -5.78 5.54 -7.31
N PRO D 156 -6.07 5.45 -6.00
CA PRO D 156 -7.16 6.07 -5.27
C PRO D 156 -6.74 7.37 -4.60
N GLU D 157 -7.63 7.99 -3.82
CA GLU D 157 -7.23 9.12 -3.01
C GLU D 157 -6.26 8.65 -1.91
N PRO D 158 -5.40 9.54 -1.42
CA PRO D 158 -5.26 10.96 -1.76
C PRO D 158 -3.97 11.31 -2.50
N VAL D 159 -3.91 12.51 -3.06
CA VAL D 159 -2.66 13.10 -3.51
C VAL D 159 -2.38 14.31 -2.62
N THR D 160 -1.13 14.77 -2.67
CA THR D 160 -0.75 16.01 -2.02
C THR D 160 -0.04 16.88 -3.04
N VAL D 161 -0.39 18.17 -3.05
CA VAL D 161 0.22 19.14 -3.94
C VAL D 161 0.82 20.26 -3.09
N SER D 162 2.09 20.54 -3.33
CA SER D 162 2.78 21.64 -2.67
C SER D 162 3.43 22.52 -3.73
N TRP D 163 3.73 23.76 -3.34
CA TRP D 163 4.30 24.74 -4.25
C TRP D 163 5.58 25.29 -3.67
N ASN D 164 6.62 25.35 -4.50
CA ASN D 164 7.97 25.72 -4.05
C ASN D 164 8.40 24.90 -2.85
N SER D 165 8.03 23.61 -2.89
CA SER D 165 8.32 22.67 -1.79
C SER D 165 7.79 23.18 -0.47
N GLY D 166 6.57 23.72 -0.48
CA GLY D 166 5.94 24.19 0.74
C GLY D 166 6.39 25.55 1.22
N ALA D 167 7.35 26.19 0.56
CA ALA D 167 7.73 27.54 0.94
C ALA D 167 6.68 28.55 0.51
N LEU D 168 5.90 28.22 -0.52
CA LEU D 168 4.84 29.08 -1.03
C LEU D 168 3.52 28.55 -0.47
N THR D 169 2.99 29.22 0.55
CA THR D 169 1.73 28.84 1.16
C THR D 169 0.67 29.93 1.10
N SER D 170 1.03 31.16 0.76
CA SER D 170 0.08 32.26 0.70
C SER D 170 -0.55 32.31 -0.69
N GLY D 171 -1.88 32.27 -0.74
CA GLY D 171 -2.59 32.39 -2.00
C GLY D 171 -2.65 31.13 -2.84
N VAL D 172 -2.56 29.96 -2.23
CA VAL D 172 -2.63 28.70 -2.94
C VAL D 172 -4.02 28.13 -2.82
N HIS D 173 -4.41 27.32 -3.81
CA HIS D 173 -5.74 26.71 -3.83
C HIS D 173 -5.62 25.35 -4.53
N THR D 174 -5.63 24.28 -3.73
CA THR D 174 -5.69 22.92 -4.24
C THR D 174 -7.12 22.41 -4.07
N PHE D 175 -7.80 22.22 -5.19
CA PHE D 175 -9.23 21.90 -5.16
C PHE D 175 -9.46 20.44 -4.80
N PRO D 176 -10.55 20.14 -4.09
CA PRO D 176 -10.89 18.73 -3.83
C PRO D 176 -11.07 17.95 -5.12
N ALA D 177 -10.76 16.66 -5.05
CA ALA D 177 -10.78 15.83 -6.25
C ALA D 177 -12.21 15.51 -6.66
N VAL D 178 -12.49 15.65 -7.95
CA VAL D 178 -13.76 15.21 -8.54
C VAL D 178 -13.55 13.85 -9.18
N LEU D 179 -14.59 13.03 -9.14
CA LEU D 179 -14.54 11.70 -9.73
C LEU D 179 -15.08 11.78 -11.16
N GLN D 180 -14.19 11.60 -12.14
CA GLN D 180 -14.60 11.61 -13.52
C GLN D 180 -15.44 10.38 -13.84
N SER D 181 -16.08 10.41 -15.00
CA SER D 181 -16.90 9.27 -15.44
C SER D 181 -16.05 8.04 -15.72
N SER D 182 -14.74 8.21 -15.93
CA SER D 182 -13.86 7.07 -16.18
C SER D 182 -13.56 6.27 -14.91
N GLY D 183 -13.96 6.77 -13.74
CA GLY D 183 -13.67 6.10 -12.50
C GLY D 183 -12.39 6.54 -11.81
N LEU D 184 -11.66 7.49 -12.40
CA LEU D 184 -10.43 8.01 -11.83
C LEU D 184 -10.65 9.43 -11.33
N TYR D 185 -9.86 9.82 -10.34
CA TYR D 185 -9.97 11.15 -9.75
C TYR D 185 -9.13 12.16 -10.52
N SER D 186 -9.54 13.42 -10.45
CA SER D 186 -8.78 14.52 -11.05
C SER D 186 -9.03 15.78 -10.24
N LEU D 187 -8.02 16.64 -10.19
CA LEU D 187 -8.13 17.90 -9.47
C LEU D 187 -7.18 18.92 -10.10
N SER D 188 -7.23 20.14 -9.59
CA SER D 188 -6.35 21.22 -10.01
C SER D 188 -5.85 21.95 -8.78
N SER D 189 -4.60 22.41 -8.86
CA SER D 189 -3.99 23.23 -7.81
C SER D 189 -3.48 24.50 -8.45
N VAL D 190 -3.95 25.65 -7.97
CA VAL D 190 -3.61 26.94 -8.53
C VAL D 190 -3.03 27.83 -7.44
N VAL D 191 -2.44 28.95 -7.86
CA VAL D 191 -1.89 29.94 -6.94
C VAL D 191 -1.84 31.27 -7.67
N THR D 192 -2.21 32.34 -6.96
CA THR D 192 -2.16 33.69 -7.49
C THR D 192 -0.93 34.40 -6.95
N VAL D 193 -0.12 34.94 -7.86
CA VAL D 193 1.14 35.58 -7.49
C VAL D 193 1.13 37.00 -8.03
N PRO D 194 1.92 37.90 -7.45
CA PRO D 194 2.05 39.24 -8.01
C PRO D 194 2.70 39.12 -9.38
N SER D 195 2.27 39.98 -10.30
CA SER D 195 2.82 39.95 -11.65
C SER D 195 4.28 40.38 -11.67
N SER D 196 4.70 41.22 -10.72
CA SER D 196 6.07 41.68 -10.65
C SER D 196 7.00 40.54 -10.25
N SER D 197 6.45 39.39 -9.86
CA SER D 197 7.28 38.27 -9.41
C SER D 197 7.59 37.27 -10.51
N LEU D 198 6.82 37.27 -11.61
CA LEU D 198 7.15 36.42 -12.74
C LEU D 198 8.48 36.85 -13.35
N GLY D 199 9.39 35.88 -13.51
CA GLY D 199 10.71 36.14 -14.01
C GLY D 199 11.79 36.15 -12.93
N THR D 200 11.44 36.58 -11.72
CA THR D 200 12.35 36.56 -10.58
C THR D 200 12.16 35.32 -9.71
N GLN D 201 10.91 35.02 -9.34
CA GLN D 201 10.60 33.85 -8.54
C GLN D 201 10.27 32.68 -9.44
N THR D 202 10.73 31.49 -9.05
CA THR D 202 10.44 30.25 -9.74
C THR D 202 9.31 29.53 -9.03
N TYR D 203 8.43 28.89 -9.79
CA TYR D 203 7.24 28.24 -9.26
C TYR D 203 7.30 26.76 -9.59
N ILE D 204 7.30 25.93 -8.55
CA ILE D 204 7.36 24.48 -8.70
C ILE D 204 6.17 23.87 -7.95
N CYS D 205 5.47 22.96 -8.61
CA CYS D 205 4.37 22.24 -7.99
C CYS D 205 4.79 20.79 -7.83
N ASN D 206 4.54 20.23 -6.64
CA ASN D 206 5.03 18.91 -6.26
C ASN D 206 3.83 18.01 -6.02
N VAL D 207 3.66 17.01 -6.88
CA VAL D 207 2.52 16.10 -6.83
C VAL D 207 2.99 14.77 -6.24
N ASN D 208 2.33 14.34 -5.17
CA ASN D 208 2.64 13.08 -4.49
C ASN D 208 1.43 12.18 -4.60
N HIS D 209 1.62 10.98 -5.14
CA HIS D 209 0.58 9.94 -5.10
C HIS D 209 1.21 8.71 -4.46
N LYS D 210 1.15 8.65 -3.14
CA LYS D 210 1.73 7.52 -2.40
C LYS D 210 1.16 6.16 -2.80
N PRO D 211 -0.15 5.97 -3.00
CA PRO D 211 -0.64 4.62 -3.32
C PRO D 211 -0.01 3.99 -4.54
N SER D 212 0.42 4.78 -5.53
CA SER D 212 1.06 4.25 -6.72
C SER D 212 2.55 4.55 -6.77
N ASN D 213 3.11 5.14 -5.70
CA ASN D 213 4.53 5.48 -5.63
C ASN D 213 4.94 6.39 -6.78
N THR D 214 4.12 7.42 -7.02
CA THR D 214 4.33 8.35 -8.12
C THR D 214 4.72 9.72 -7.58
N LYS D 215 5.83 10.25 -8.08
CA LYS D 215 6.35 11.56 -7.69
C LYS D 215 6.61 12.36 -8.94
N VAL D 216 5.96 13.52 -9.07
CA VAL D 216 6.13 14.40 -10.22
C VAL D 216 6.33 15.82 -9.74
N ASP D 217 7.33 16.51 -10.31
CA ASP D 217 7.60 17.91 -10.06
C ASP D 217 7.46 18.68 -11.36
N LYS D 218 6.80 19.84 -11.30
CA LYS D 218 6.50 20.60 -12.50
C LYS D 218 6.85 22.08 -12.31
N LYS D 219 7.82 22.56 -13.07
CA LYS D 219 8.07 23.99 -13.15
C LYS D 219 6.95 24.64 -13.95
N VAL D 220 6.48 25.80 -13.49
CA VAL D 220 5.36 26.50 -14.10
C VAL D 220 5.91 27.77 -14.71
N GLU D 221 5.79 27.89 -16.03
CA GLU D 221 6.31 29.02 -16.79
C GLU D 221 5.42 29.28 -17.98
N PRO D 222 5.34 30.52 -18.47
CA PRO D 222 4.39 30.84 -19.54
C PRO D 222 4.83 30.30 -20.89
N LYS D 223 3.86 29.84 -21.67
CA LYS D 223 4.09 29.40 -23.04
C LYS D 223 2.91 29.76 -23.93
N ASP E 1 -32.54 0.93 16.68
CA ASP E 1 -31.58 1.93 17.14
C ASP E 1 -32.27 3.28 17.37
N ILE E 2 -31.51 4.25 17.85
CA ILE E 2 -32.02 5.58 18.17
C ILE E 2 -31.53 6.57 17.12
N GLN E 3 -32.44 7.36 16.56
CA GLN E 3 -32.07 8.32 15.52
C GLN E 3 -31.76 9.66 16.15
N MET E 4 -30.65 10.27 15.73
CA MET E 4 -30.24 11.59 16.19
C MET E 4 -30.43 12.57 15.05
N THR E 5 -31.52 13.34 15.13
CA THR E 5 -31.90 14.29 14.08
C THR E 5 -31.38 15.67 14.45
N GLN E 6 -30.47 16.20 13.64
CA GLN E 6 -29.89 17.52 13.84
C GLN E 6 -30.42 18.50 12.81
N SER E 7 -30.50 19.77 13.21
CA SER E 7 -30.95 20.84 12.34
C SER E 7 -30.36 22.15 12.84
N PRO E 8 -29.96 23.05 11.94
CA PRO E 8 -30.06 22.96 10.47
C PRO E 8 -28.86 22.23 9.87
N SER E 9 -28.92 21.88 8.58
CA SER E 9 -27.78 21.21 7.95
C SER E 9 -26.56 22.12 7.93
N SER E 10 -26.76 23.42 7.74
CA SER E 10 -25.66 24.38 7.71
C SER E 10 -26.20 25.74 8.08
N LEU E 11 -25.29 26.62 8.51
CA LEU E 11 -25.64 27.99 8.85
C LEU E 11 -24.42 28.87 8.66
N SER E 12 -24.65 30.09 8.18
CA SER E 12 -23.60 31.08 8.00
C SER E 12 -23.88 32.26 8.93
N ALA E 13 -22.90 32.61 9.75
CA ALA E 13 -23.04 33.69 10.71
C ALA E 13 -21.74 34.48 10.77
N SER E 14 -21.80 35.63 11.44
CA SER E 14 -20.64 36.50 11.58
C SER E 14 -19.95 36.25 12.92
N VAL E 15 -18.88 37.00 13.17
CA VAL E 15 -18.14 36.89 14.41
C VAL E 15 -18.89 37.65 15.50
N GLY E 16 -19.13 36.97 16.64
CA GLY E 16 -19.83 37.56 17.75
C GLY E 16 -21.28 37.13 17.86
N ASP E 17 -21.80 36.39 16.89
CA ASP E 17 -23.19 35.96 16.94
C ASP E 17 -23.37 34.82 17.94
N ARG E 18 -24.56 34.80 18.56
CA ARG E 18 -24.97 33.68 19.39
C ARG E 18 -25.85 32.76 18.55
N VAL E 19 -25.44 31.50 18.42
CA VAL E 19 -26.14 30.54 17.58
C VAL E 19 -26.47 29.31 18.41
N THR E 20 -27.54 28.62 18.00
CA THR E 20 -28.04 27.45 18.71
C THR E 20 -28.27 26.32 17.73
N ILE E 21 -27.64 25.18 17.99
CA ILE E 21 -27.82 23.96 17.20
C ILE E 21 -28.60 22.98 18.05
N THR E 22 -29.69 22.44 17.51
CA THR E 22 -30.53 21.49 18.23
C THR E 22 -30.42 20.10 17.61
N CYS E 23 -30.43 19.09 18.48
CA CYS E 23 -30.42 17.69 18.08
C CYS E 23 -31.59 16.99 18.75
N ARG E 24 -32.45 16.36 17.95
CA ARG E 24 -33.63 15.68 18.45
C ARG E 24 -33.42 14.17 18.43
N ALA E 25 -33.70 13.52 19.55
CA ALA E 25 -33.58 12.07 19.65
C ALA E 25 -34.92 11.42 19.34
N SER E 26 -34.87 10.30 18.62
CA SER E 26 -36.09 9.59 18.23
C SER E 26 -36.81 8.99 19.43
N GLN E 27 -36.12 8.78 20.54
CA GLN E 27 -36.74 8.31 21.77
C GLN E 27 -35.91 8.81 22.94
N SER E 28 -36.28 8.37 24.15
CA SER E 28 -35.62 8.85 25.36
C SER E 28 -34.19 8.37 25.41
N VAL E 29 -33.26 9.31 25.60
CA VAL E 29 -31.85 9.00 25.80
C VAL E 29 -31.34 9.56 27.13
N SER E 30 -32.26 9.92 28.02
CA SER E 30 -31.94 10.52 29.32
C SER E 30 -31.11 11.76 29.04
N SER E 31 -29.95 11.95 29.69
CA SER E 31 -29.07 13.06 29.40
C SER E 31 -27.79 12.63 28.69
N ALA E 32 -27.75 11.40 28.18
CA ALA E 32 -26.55 10.84 27.56
C ALA E 32 -26.43 11.36 26.14
N VAL E 33 -26.00 12.62 26.02
CA VAL E 33 -25.78 13.27 24.73
C VAL E 33 -24.51 14.10 24.83
N ALA E 34 -23.59 13.90 23.88
CA ALA E 34 -22.37 14.69 23.79
C ALA E 34 -22.41 15.57 22.54
N TRP E 35 -21.45 16.49 22.46
CA TRP E 35 -21.32 17.38 21.33
C TRP E 35 -19.86 17.43 20.91
N TYR E 36 -19.62 17.37 19.60
CA TYR E 36 -18.27 17.30 19.07
C TYR E 36 -18.06 18.39 18.03
N GLN E 37 -16.82 18.89 17.97
CA GLN E 37 -16.41 19.90 17.00
C GLN E 37 -15.40 19.29 16.05
N GLN E 38 -15.56 19.53 14.76
CA GLN E 38 -14.65 18.99 13.75
C GLN E 38 -14.48 20.00 12.64
N LYS E 39 -13.25 20.46 12.42
CA LYS E 39 -12.88 21.35 11.34
C LYS E 39 -12.52 20.52 10.10
N PRO E 40 -12.21 21.13 8.97
CA PRO E 40 -11.71 20.33 7.83
C PRO E 40 -10.39 19.64 8.17
N GLY E 41 -10.28 18.38 7.77
CA GLY E 41 -9.09 17.60 8.04
C GLY E 41 -8.77 17.47 9.51
N LYS E 42 -9.80 17.30 10.34
CA LYS E 42 -9.68 17.43 11.78
C LYS E 42 -10.15 16.14 12.45
N ALA E 43 -9.55 15.82 13.57
CA ALA E 43 -10.10 14.77 14.42
C ALA E 43 -11.13 15.38 15.37
N PRO E 44 -12.33 14.81 15.46
CA PRO E 44 -13.37 15.40 16.31
C PRO E 44 -12.86 15.73 17.71
N LYS E 45 -13.37 16.83 18.26
CA LYS E 45 -12.95 17.34 19.55
C LYS E 45 -14.16 17.47 20.46
N LEU E 46 -14.08 16.89 21.65
CA LEU E 46 -15.21 16.84 22.56
C LEU E 46 -15.41 18.22 23.20
N LEU E 47 -16.65 18.69 23.20
CA LEU E 47 -17.01 19.96 23.80
C LEU E 47 -17.89 19.80 25.04
N ILE E 48 -19.01 19.11 24.90
CA ILE E 48 -19.99 18.96 25.98
C ILE E 48 -20.24 17.47 26.21
N TYR E 49 -20.35 17.08 27.48
CA TYR E 49 -20.80 15.75 27.85
C TYR E 49 -21.98 15.87 28.79
N SER E 50 -22.78 14.80 28.85
CA SER E 50 -23.97 14.74 29.71
C SER E 50 -24.89 15.94 29.44
N ALA E 51 -25.09 16.22 28.16
CA ALA E 51 -25.99 17.28 27.69
C ALA E 51 -25.52 18.68 28.07
N SER E 52 -25.14 18.90 29.34
CA SER E 52 -24.95 20.25 29.84
C SER E 52 -23.63 20.47 30.55
N SER E 53 -22.72 19.50 30.56
CA SER E 53 -21.46 19.63 31.29
C SER E 53 -20.35 20.04 30.33
N LEU E 54 -19.56 21.03 30.73
CA LEU E 54 -18.45 21.50 29.92
C LEU E 54 -17.21 20.63 30.15
N TYR E 55 -16.64 20.11 29.07
CA TYR E 55 -15.40 19.37 29.16
C TYR E 55 -14.28 20.28 29.64
N SER E 56 -13.22 19.67 30.15
CA SER E 56 -12.09 20.45 30.67
C SER E 56 -11.32 21.07 29.50
N GLY E 57 -11.21 22.40 29.50
CA GLY E 57 -10.40 23.13 28.56
C GLY E 57 -11.20 23.97 27.57
N VAL E 58 -12.41 23.54 27.23
CA VAL E 58 -13.18 24.29 26.22
C VAL E 58 -13.69 25.58 26.84
N PRO E 59 -13.71 26.68 26.10
CA PRO E 59 -14.08 27.98 26.69
C PRO E 59 -15.56 28.02 27.07
N SER E 60 -15.91 29.03 27.87
CA SER E 60 -17.28 29.20 28.33
C SER E 60 -18.09 29.71 27.14
N ARG E 61 -17.61 29.44 25.93
CA ARG E 61 -18.31 29.87 24.73
C ARG E 61 -19.19 28.75 24.18
N PHE E 62 -19.24 27.64 24.92
CA PHE E 62 -20.05 26.49 24.51
C PHE E 62 -20.91 25.95 25.65
N SER E 63 -22.21 26.02 25.48
CA SER E 63 -23.15 25.54 26.49
C SER E 63 -24.20 24.67 25.82
N GLY E 64 -24.76 23.75 26.60
CA GLY E 64 -25.79 22.86 26.10
C GLY E 64 -26.80 22.56 27.19
N SER E 65 -28.01 22.18 26.75
CA SER E 65 -29.09 21.91 27.69
C SER E 65 -30.01 20.84 27.11
N ARG E 66 -30.76 20.21 28.00
CA ARG E 66 -31.71 19.16 27.63
C ARG E 66 -33.13 19.58 27.99
N SER E 67 -34.07 19.30 27.10
CA SER E 67 -35.50 19.53 27.33
C SER E 67 -36.25 18.32 26.76
N GLY E 68 -36.48 17.32 27.60
CA GLY E 68 -37.11 16.11 27.12
C GLY E 68 -36.15 15.33 26.24
N THR E 69 -36.62 14.94 25.06
CA THR E 69 -35.79 14.30 24.06
C THR E 69 -35.17 15.28 23.09
N ASP E 70 -35.20 16.57 23.41
CA ASP E 70 -34.62 17.61 22.57
C ASP E 70 -33.35 18.14 23.23
N PHE E 71 -32.31 18.34 22.43
CA PHE E 71 -31.01 18.78 22.92
C PHE E 71 -30.51 19.92 22.07
N THR E 72 -30.04 20.98 22.72
CA THR E 72 -29.51 22.15 22.03
C THR E 72 -28.06 22.39 22.44
N LEU E 73 -27.27 22.86 21.50
CA LEU E 73 -25.91 23.32 21.76
C LEU E 73 -25.84 24.80 21.48
N THR E 74 -25.30 25.57 22.43
CA THR E 74 -25.30 27.02 22.36
C THR E 74 -23.88 27.55 22.50
N ILE E 75 -23.51 28.50 21.64
CA ILE E 75 -22.31 29.30 21.80
C ILE E 75 -22.71 30.77 21.76
N SER E 76 -22.32 31.53 22.79
CA SER E 76 -22.85 32.87 22.96
C SER E 76 -22.23 33.88 22.02
N SER E 77 -21.02 33.62 21.53
CA SER E 77 -20.36 34.56 20.63
C SER E 77 -19.33 33.80 19.81
N LEU E 78 -19.46 33.84 18.49
CA LEU E 78 -18.55 33.11 17.61
C LEU E 78 -17.17 33.76 17.63
N GLN E 79 -16.14 32.91 17.64
CA GLN E 79 -14.75 33.35 17.68
C GLN E 79 -14.06 32.90 16.39
N PRO E 80 -12.85 33.36 16.08
CA PRO E 80 -12.23 32.97 14.80
C PRO E 80 -11.98 31.47 14.67
N GLU E 81 -11.66 30.79 15.77
CA GLU E 81 -11.41 29.35 15.74
C GLU E 81 -12.69 28.54 15.90
N ASP E 82 -13.85 29.14 15.66
CA ASP E 82 -15.13 28.50 15.92
C ASP E 82 -15.85 28.03 14.67
N PHE E 83 -15.32 28.33 13.48
CA PHE E 83 -15.88 27.78 12.26
C PHE E 83 -15.55 26.29 12.19
N ALA E 84 -16.58 25.46 12.09
CA ALA E 84 -16.40 24.01 12.11
C ALA E 84 -17.76 23.36 11.85
N THR E 85 -17.77 22.03 11.92
CA THR E 85 -18.97 21.22 11.90
C THR E 85 -19.20 20.65 13.29
N TYR E 86 -20.46 20.60 13.71
CA TYR E 86 -20.82 20.14 15.04
C TYR E 86 -21.75 18.93 14.96
N TYR E 87 -21.47 17.93 15.78
CA TYR E 87 -22.23 16.69 15.81
C TYR E 87 -22.76 16.44 17.21
N CYS E 88 -23.96 15.89 17.28
CA CYS E 88 -24.51 15.35 18.51
C CYS E 88 -24.38 13.83 18.46
N GLN E 89 -24.19 13.22 19.64
CA GLN E 89 -24.03 11.78 19.72
C GLN E 89 -24.72 11.27 20.98
N GLN E 90 -25.54 10.24 20.82
CA GLN E 90 -26.15 9.57 21.95
C GLN E 90 -25.26 8.43 22.43
N SER E 91 -25.24 8.23 23.75
CA SER E 91 -24.54 7.11 24.37
C SER E 91 -25.46 6.42 25.36
N TYR E 92 -26.77 6.48 25.11
CA TYR E 92 -27.74 5.89 26.03
C TYR E 92 -27.91 4.40 25.79
N SER E 93 -27.88 3.97 24.52
CA SER E 93 -28.06 2.57 24.18
C SER E 93 -27.12 2.20 23.04
N PHE E 94 -26.77 0.92 22.99
CA PHE E 94 -26.02 0.50 21.82
C PHE E 94 -26.99 0.01 20.73
N PRO E 95 -26.73 0.34 19.46
CA PRO E 95 -25.57 1.06 18.93
C PRO E 95 -25.62 2.57 19.23
N ASN E 96 -24.49 3.16 19.60
CA ASN E 96 -24.41 4.61 19.71
C ASN E 96 -24.54 5.22 18.32
N THR E 97 -25.21 6.37 18.25
CA THR E 97 -25.54 6.98 16.96
C THR E 97 -25.19 8.46 16.97
N PHE E 98 -24.61 8.93 15.87
CA PHE E 98 -24.28 10.32 15.68
C PHE E 98 -25.36 11.02 14.87
N GLY E 99 -25.55 12.31 15.15
CA GLY E 99 -26.34 13.14 14.27
C GLY E 99 -25.61 13.42 12.97
N GLN E 100 -26.37 13.91 11.99
CA GLN E 100 -25.78 14.14 10.67
C GLN E 100 -24.86 15.34 10.63
N GLY E 101 -24.90 16.21 11.63
CA GLY E 101 -23.95 17.30 11.71
C GLY E 101 -24.49 18.60 11.15
N THR E 102 -24.00 19.72 11.70
CA THR E 102 -24.31 21.05 11.22
C THR E 102 -23.01 21.77 10.89
N LYS E 103 -22.95 22.36 9.69
CA LYS E 103 -21.77 23.07 9.22
C LYS E 103 -21.96 24.56 9.49
N VAL E 104 -21.14 25.10 10.37
CA VAL E 104 -21.20 26.52 10.74
C VAL E 104 -20.09 27.24 9.97
N GLU E 105 -20.48 28.08 9.02
CA GLU E 105 -19.56 28.85 8.21
C GLU E 105 -19.65 30.32 8.59
N ILE E 106 -18.68 31.10 8.11
CA ILE E 106 -18.50 32.48 8.52
C ILE E 106 -19.08 33.40 7.45
N LYS E 107 -19.93 34.34 7.86
CA LYS E 107 -20.54 35.30 6.96
C LYS E 107 -19.70 36.57 6.90
N ARG E 108 -19.50 37.07 5.68
CA ARG E 108 -18.68 38.26 5.46
C ARG E 108 -19.35 39.11 4.39
N THR E 109 -18.62 40.09 3.86
CA THR E 109 -19.15 40.97 2.83
C THR E 109 -19.03 40.31 1.46
N VAL E 110 -19.85 40.81 0.53
CA VAL E 110 -19.88 40.26 -0.82
C VAL E 110 -18.56 40.58 -1.52
N ALA E 111 -17.95 39.56 -2.13
CA ALA E 111 -16.70 39.71 -2.85
C ALA E 111 -16.84 39.08 -4.22
N ALA E 112 -16.60 39.86 -5.27
CA ALA E 112 -16.71 39.37 -6.62
C ALA E 112 -15.53 38.44 -6.94
N PRO E 113 -15.75 37.44 -7.79
CA PRO E 113 -14.66 36.51 -8.13
C PRO E 113 -13.73 37.08 -9.19
N SER E 114 -12.46 36.72 -9.07
CA SER E 114 -11.48 36.94 -10.12
C SER E 114 -11.45 35.71 -11.02
N VAL E 115 -11.69 35.92 -12.31
CA VAL E 115 -11.97 34.83 -13.24
C VAL E 115 -10.77 34.66 -14.17
N PHE E 116 -10.23 33.45 -14.21
CA PHE E 116 -9.17 33.09 -15.14
C PHE E 116 -9.59 31.85 -15.92
N ILE E 117 -9.17 31.80 -17.18
CA ILE E 117 -9.42 30.66 -18.05
C ILE E 117 -8.08 30.13 -18.55
N PHE E 118 -7.95 28.81 -18.58
CA PHE E 118 -6.69 28.17 -18.93
C PHE E 118 -6.88 27.24 -20.12
N PRO E 119 -6.14 27.44 -21.21
CA PRO E 119 -6.22 26.50 -22.32
C PRO E 119 -5.61 25.16 -21.94
N PRO E 120 -6.03 24.07 -22.59
CA PRO E 120 -5.37 22.78 -22.33
C PRO E 120 -3.91 22.82 -22.73
N SER E 121 -3.11 22.02 -22.05
CA SER E 121 -1.66 22.16 -22.11
C SER E 121 -1.07 21.53 -23.36
N ASP E 122 0.00 22.14 -23.86
CA ASP E 122 0.72 21.58 -25.00
C ASP E 122 1.21 20.16 -24.70
N GLU E 123 1.67 19.93 -23.47
CA GLU E 123 2.00 18.57 -23.06
C GLU E 123 0.76 17.70 -22.96
N GLN E 124 -0.38 18.28 -22.62
CA GLN E 124 -1.62 17.51 -22.52
C GLN E 124 -2.21 17.24 -23.90
N LEU E 125 -2.15 18.21 -24.80
CA LEU E 125 -2.63 17.99 -26.17
C LEU E 125 -1.90 16.84 -26.84
N LYS E 126 -0.61 16.67 -26.52
CA LYS E 126 0.14 15.53 -27.06
C LYS E 126 -0.47 14.22 -26.61
N SER E 127 -0.81 14.11 -25.33
CA SER E 127 -1.51 12.93 -24.83
C SER E 127 -2.92 12.81 -25.39
N GLY E 128 -3.44 13.86 -26.01
CA GLY E 128 -4.73 13.80 -26.67
C GLY E 128 -5.84 14.48 -25.89
N THR E 129 -5.89 14.26 -24.58
CA THR E 129 -6.98 14.78 -23.77
C THR E 129 -7.01 16.31 -23.79
N ALA E 130 -8.20 16.86 -23.95
CA ALA E 130 -8.42 18.29 -23.88
C ALA E 130 -9.04 18.66 -22.53
N SER E 131 -8.69 19.83 -22.03
CA SER E 131 -9.19 20.26 -20.72
C SER E 131 -9.03 21.77 -20.60
N VAL E 132 -10.15 22.49 -20.67
CA VAL E 132 -10.19 23.93 -20.38
C VAL E 132 -10.63 24.10 -18.94
N VAL E 133 -9.89 24.90 -18.18
CA VAL E 133 -10.13 25.08 -16.75
C VAL E 133 -10.40 26.55 -16.48
N CYS E 134 -11.49 26.82 -15.77
CA CYS E 134 -11.83 28.17 -15.33
C CYS E 134 -11.65 28.27 -13.82
N LEU E 135 -11.00 29.34 -13.38
CA LEU E 135 -10.75 29.57 -11.96
C LEU E 135 -11.56 30.78 -11.51
N LEU E 136 -12.45 30.57 -10.55
CA LEU E 136 -13.16 31.65 -9.87
C LEU E 136 -12.46 31.84 -8.53
N ASN E 137 -11.61 32.86 -8.45
CA ASN E 137 -10.68 33.01 -7.33
C ASN E 137 -11.24 33.99 -6.30
N ASN E 138 -11.31 33.54 -5.05
CA ASN E 138 -11.61 34.37 -3.89
C ASN E 138 -12.90 35.17 -4.06
N PHE E 139 -14.04 34.53 -3.80
CA PHE E 139 -15.33 35.19 -3.90
C PHE E 139 -16.21 34.76 -2.73
N TYR E 140 -17.22 35.58 -2.44
CA TYR E 140 -18.21 35.29 -1.42
C TYR E 140 -19.48 36.03 -1.82
N PRO E 141 -20.66 35.39 -1.68
CA PRO E 141 -20.90 34.04 -1.15
C PRO E 141 -20.63 32.93 -2.16
N ARG E 142 -20.95 31.68 -1.78
CA ARG E 142 -20.55 30.52 -2.57
C ARG E 142 -21.33 30.40 -3.87
N GLU E 143 -22.58 30.88 -3.89
CA GLU E 143 -23.46 30.69 -5.03
C GLU E 143 -22.88 31.31 -6.30
N ALA E 144 -22.49 30.46 -7.26
CA ALA E 144 -21.87 30.91 -8.50
C ALA E 144 -22.34 30.05 -9.66
N LYS E 145 -22.49 30.66 -10.82
CA LYS E 145 -22.91 29.99 -12.04
C LYS E 145 -21.84 30.22 -13.11
N VAL E 146 -21.31 29.12 -13.64
CA VAL E 146 -20.34 29.19 -14.74
C VAL E 146 -20.95 28.49 -15.95
N GLN E 147 -20.58 28.98 -17.14
CA GLN E 147 -21.13 28.45 -18.38
C GLN E 147 -20.02 28.32 -19.40
N TRP E 148 -20.00 27.17 -20.08
CA TRP E 148 -19.05 26.87 -21.14
C TRP E 148 -19.75 26.90 -22.49
N LYS E 149 -19.01 27.27 -23.53
CA LYS E 149 -19.60 27.34 -24.86
C LYS E 149 -18.54 27.01 -25.91
N VAL E 150 -18.92 26.15 -26.86
CA VAL E 150 -18.09 25.89 -28.03
C VAL E 150 -18.76 26.54 -29.23
N ASP E 151 -18.36 27.77 -29.54
CA ASP E 151 -18.97 28.58 -30.59
C ASP E 151 -20.46 28.81 -30.32
N ASN E 152 -20.73 29.43 -29.17
CA ASN E 152 -22.06 29.84 -28.71
C ASN E 152 -23.01 28.68 -28.47
N ALA E 153 -22.52 27.45 -28.45
CA ALA E 153 -23.35 26.28 -28.20
C ALA E 153 -23.11 25.85 -26.75
N LEU E 154 -24.04 26.22 -25.86
CA LEU E 154 -23.89 25.91 -24.45
C LEU E 154 -23.91 24.40 -24.24
N GLN E 155 -22.83 23.86 -23.68
CA GLN E 155 -22.66 22.44 -23.50
C GLN E 155 -23.29 21.98 -22.19
N SER E 156 -23.56 20.67 -22.13
CA SER E 156 -24.22 20.08 -20.97
C SER E 156 -23.70 18.67 -20.75
N GLY E 157 -23.42 18.33 -19.50
CA GLY E 157 -22.98 17.00 -19.14
C GLY E 157 -21.51 16.71 -19.37
N ASN E 158 -20.69 17.73 -19.62
CA ASN E 158 -19.28 17.55 -19.92
C ASN E 158 -18.41 18.48 -19.09
N SER E 159 -18.85 18.83 -17.89
CA SER E 159 -18.10 19.73 -17.02
C SER E 159 -18.23 19.30 -15.57
N GLN E 160 -17.12 19.34 -14.86
CA GLN E 160 -17.09 19.03 -13.44
C GLN E 160 -16.69 20.27 -12.65
N GLU E 161 -17.23 20.38 -11.44
CA GLU E 161 -16.99 21.54 -10.59
C GLU E 161 -16.41 21.08 -9.25
N SER E 162 -15.58 21.94 -8.67
CA SER E 162 -15.00 21.69 -7.36
C SER E 162 -14.84 23.02 -6.64
N VAL E 163 -15.18 23.04 -5.36
CA VAL E 163 -15.15 24.25 -4.55
C VAL E 163 -14.25 24.00 -3.34
N THR E 164 -13.29 24.90 -3.12
CA THR E 164 -12.48 24.82 -1.91
C THR E 164 -13.32 25.14 -0.68
N GLU E 165 -12.75 24.87 0.48
CA GLU E 165 -13.43 25.19 1.72
C GLU E 165 -13.30 26.68 2.02
N GLN E 166 -14.08 27.14 3.00
CA GLN E 166 -14.03 28.53 3.42
C GLN E 166 -12.63 28.87 3.93
N ASP E 167 -11.96 29.78 3.23
CA ASP E 167 -10.62 30.19 3.63
C ASP E 167 -10.64 30.74 5.05
N SER E 168 -9.69 30.30 5.87
CA SER E 168 -9.58 30.78 7.24
C SER E 168 -8.93 32.16 7.32
N LYS E 169 -8.52 32.74 6.20
CA LYS E 169 -7.87 34.05 6.19
C LYS E 169 -8.85 35.17 5.83
N ASP E 170 -9.39 35.13 4.60
CA ASP E 170 -10.31 36.16 4.13
C ASP E 170 -11.77 35.71 4.08
N SER E 171 -12.04 34.43 4.35
CA SER E 171 -13.40 33.90 4.46
C SER E 171 -14.14 33.87 3.13
N THR E 172 -13.41 33.77 2.01
CA THR E 172 -14.05 33.59 0.72
C THR E 172 -13.90 32.14 0.26
N TYR E 173 -14.31 31.87 -0.98
CA TYR E 173 -14.23 30.55 -1.57
C TYR E 173 -13.66 30.66 -2.98
N SER E 174 -13.19 29.53 -3.49
CA SER E 174 -12.69 29.44 -4.87
C SER E 174 -13.33 28.24 -5.55
N LEU E 175 -13.51 28.35 -6.86
CA LEU E 175 -14.20 27.34 -7.65
C LEU E 175 -13.43 27.09 -8.93
N SER E 176 -13.42 25.81 -9.36
CA SER E 176 -12.75 25.40 -10.58
C SER E 176 -13.73 24.59 -11.43
N SER E 177 -13.80 24.94 -12.72
CA SER E 177 -14.63 24.23 -13.68
C SER E 177 -13.75 23.73 -14.81
N THR E 178 -13.97 22.48 -15.24
CA THR E 178 -13.10 21.82 -16.21
C THR E 178 -13.93 21.29 -17.37
N LEU E 179 -13.48 21.59 -18.60
CA LEU E 179 -14.07 21.05 -19.81
C LEU E 179 -13.33 19.78 -20.24
N THR E 180 -13.99 18.99 -21.08
CA THR E 180 -13.42 17.73 -21.55
C THR E 180 -13.20 17.73 -23.05
N LEU E 181 -14.26 17.75 -23.85
CA LEU E 181 -14.17 17.66 -25.33
C LEU E 181 -13.54 16.32 -25.68
N SER E 182 -12.75 16.27 -26.75
CA SER E 182 -12.20 15.00 -27.24
C SER E 182 -10.77 15.23 -27.73
N LYS E 183 -10.18 14.18 -28.30
CA LYS E 183 -8.83 14.25 -28.84
C LYS E 183 -8.75 15.12 -30.09
N ALA E 184 -9.88 15.48 -30.68
CA ALA E 184 -9.90 16.34 -31.86
C ALA E 184 -10.96 17.42 -31.81
N ASP E 185 -11.95 17.34 -30.94
CA ASP E 185 -12.94 18.39 -30.96
C ASP E 185 -12.37 19.65 -30.37
N TYR E 186 -11.06 19.72 -30.22
CA TYR E 186 -10.47 20.90 -29.62
C TYR E 186 -10.04 21.98 -30.61
N GLU E 187 -9.55 21.57 -31.78
CA GLU E 187 -9.11 22.53 -32.81
C GLU E 187 -10.23 22.84 -33.81
N LYS E 188 -11.45 22.40 -33.50
CA LYS E 188 -12.63 22.55 -34.32
C LYS E 188 -13.54 23.73 -34.03
N HIS E 189 -13.32 24.45 -32.94
CA HIS E 189 -14.16 25.60 -32.64
C HIS E 189 -13.46 26.96 -32.51
N LYS E 190 -12.16 26.97 -32.18
CA LYS E 190 -11.33 28.17 -32.09
C LYS E 190 -11.53 28.98 -30.82
N VAL E 191 -12.75 29.45 -30.56
CA VAL E 191 -13.03 30.34 -29.44
C VAL E 191 -13.69 29.59 -28.30
N TYR E 192 -13.08 29.67 -27.11
CA TYR E 192 -13.63 29.07 -25.90
C TYR E 192 -13.68 30.14 -24.81
N ALA E 193 -14.84 30.28 -24.16
CA ALA E 193 -15.07 31.35 -23.22
C ALA E 193 -15.67 30.82 -21.93
N CYS E 194 -15.39 31.52 -20.83
CA CYS E 194 -15.92 31.19 -19.50
C CYS E 194 -16.69 32.39 -18.98
N GLU E 195 -18.02 32.31 -19.00
CA GLU E 195 -18.87 33.35 -18.45
C GLU E 195 -19.39 32.92 -17.09
N VAL E 196 -19.38 33.86 -16.14
CA VAL E 196 -19.74 33.57 -14.76
C VAL E 196 -20.60 34.70 -14.21
N THR E 197 -21.67 34.34 -13.52
CA THR E 197 -22.53 35.30 -12.83
C THR E 197 -22.36 35.12 -11.34
N HIS E 198 -22.20 36.24 -10.63
CA HIS E 198 -22.06 36.24 -9.18
C HIS E 198 -22.74 37.49 -8.62
N GLN E 199 -23.18 37.41 -7.38
CA GLN E 199 -23.87 38.54 -6.76
C GLN E 199 -22.97 39.76 -6.65
N GLY E 200 -21.68 39.56 -6.45
CA GLY E 200 -20.73 40.66 -6.45
C GLY E 200 -20.42 41.23 -7.82
N LEU E 201 -20.98 40.66 -8.88
CA LEU E 201 -20.79 41.14 -10.23
C LEU E 201 -22.08 41.79 -10.71
N SER E 202 -22.00 43.06 -11.09
CA SER E 202 -23.18 43.76 -11.59
C SER E 202 -23.66 43.19 -12.91
N SER E 203 -22.80 42.53 -13.66
CA SER E 203 -23.14 41.98 -14.97
C SER E 203 -22.36 40.70 -15.17
N PRO E 204 -22.83 39.81 -16.04
CA PRO E 204 -22.10 38.56 -16.29
C PRO E 204 -20.72 38.83 -16.89
N VAL E 205 -19.70 38.28 -16.25
CA VAL E 205 -18.31 38.44 -16.67
C VAL E 205 -17.90 37.22 -17.47
N THR E 206 -17.43 37.45 -18.70
CA THR E 206 -16.96 36.38 -19.57
C THR E 206 -15.46 36.51 -19.78
N LYS E 207 -14.80 35.36 -19.93
CA LYS E 207 -13.36 35.30 -20.15
C LYS E 207 -13.09 34.31 -21.27
N SER E 208 -12.67 34.81 -22.43
CA SER E 208 -12.46 33.99 -23.60
C SER E 208 -10.97 33.77 -23.89
N PHE E 209 -10.72 32.95 -24.90
CA PHE E 209 -9.39 32.73 -25.43
C PHE E 209 -9.54 32.14 -26.83
N ASN E 210 -8.68 32.57 -27.74
CA ASN E 210 -8.68 32.05 -29.09
C ASN E 210 -7.63 30.98 -29.26
N ARG E 211 -7.97 29.93 -30.01
CA ARG E 211 -7.08 28.78 -30.16
C ARG E 211 -5.87 29.17 -31.02
#